data_7C3H
#
_entry.id   7C3H
#
_cell.length_a   116.110
_cell.length_b   170.270
_cell.length_c   119.490
_cell.angle_alpha   90.000
_cell.angle_beta   90.000
_cell.angle_gamma   90.000
#
_symmetry.space_group_name_H-M   'C 2 2 21'
#
loop_
_entity.id
_entity.type
_entity.pdbx_description
1 polymer 'L-lysine oxidase'
2 non-polymer 'FLAVIN-ADENINE DINUCLEOTIDE'
3 non-polymer LYSINE
4 non-polymer GLYCEROL
5 non-polymer '4-(2-HYDROXYETHYL)-1-PIPERAZINE ETHANESULFONIC ACID'
6 water water
#
_entity_poly.entity_id   1
_entity_poly.type   'polypeptide(L)'
_entity_poly.pdbx_seq_one_letter_code
;AEEELPPRKVCIVGAGVSGLYIAMILDDLKIPNLTYDIFESSSRTGGRLYTHHFTDAKHDYYDIGAMRYPDIPSMKRTFN
LFKRTGMPLIKYYLDGENTPQLYNNHFFAKGVVDPYMVSVANGGTVPDDVVDSVGEKLQQAFGYYKEKLAEDFDKGFDEL
MLVDDMTTREYLKRGGPKGEAPKYDFFAIQWMETQNTGTNLFDQAFSESVIDSFDFDNPTKPEWYCIEGGTSLLVDAMKE
TLVHKVQNNKRVEAISIDLDAPDDGNMSVKIGGKDYSGYSTVFNTTALGCLDRMDLRGLNLHPTQADAIRCLHYDNSTKV
ALKFSYPWWIKDCGITCGGAASTDLPLRTCVYPSYNLGDTGEAVLLASYTWSQDATRIGSLVKDAPPQPPKEDELVELIL
QNLARLHAEHMTYEKIKEAYTGVYHAYCWANDPNVGGAFALFGPGQFSNLYPYLMRPAAGGKFHIVGEASSVHHAWIIGS
LESAYTAVYQFLYKYKMWDYLRLLLERWQYGLQELETGKHGTAHLQFILGSLPKEYQVKI
;
_entity_poly.pdbx_strand_id   A,B
#
loop_
_chem_comp.id
_chem_comp.type
_chem_comp.name
_chem_comp.formula
EPE non-polymer '4-(2-HYDROXYETHYL)-1-PIPERAZINE ETHANESULFONIC ACID' 'C8 H18 N2 O4 S'
FAD non-polymer 'FLAVIN-ADENINE DINUCLEOTIDE' 'C27 H33 N9 O15 P2'
GOL non-polymer GLYCEROL 'C3 H8 O3'
#
# COMPACT_ATOMS: atom_id res chain seq x y z
N GLU A 4 5.10 -47.95 22.09
CA GLU A 4 4.28 -46.76 21.83
C GLU A 4 5.10 -45.61 21.23
N LEU A 5 4.42 -44.72 20.54
CA LEU A 5 5.04 -43.44 20.17
C LEU A 5 5.55 -42.69 21.41
N PRO A 6 6.71 -42.06 21.34
CA PRO A 6 7.18 -41.26 22.44
C PRO A 6 6.37 -39.99 22.55
N PRO A 7 6.30 -39.38 23.72
CA PRO A 7 5.57 -38.10 23.86
C PRO A 7 6.24 -37.03 22.99
N ARG A 8 5.38 -36.31 22.26
CA ARG A 8 5.81 -35.22 21.36
C ARG A 8 4.80 -34.10 21.47
N LYS A 9 5.30 -32.86 21.28
CA LYS A 9 4.51 -31.65 21.39
C LYS A 9 4.86 -30.81 20.18
N VAL A 10 3.86 -30.24 19.54
CA VAL A 10 4.11 -29.31 18.45
C VAL A 10 3.52 -27.95 18.81
N CYS A 11 3.94 -26.92 18.09
CA CYS A 11 3.53 -25.55 18.38
C CYS A 11 2.88 -25.01 17.13
N ILE A 12 1.68 -24.47 17.29
CA ILE A 12 0.91 -23.81 16.23
C ILE A 12 0.92 -22.31 16.56
N VAL A 13 1.60 -21.53 15.72
CA VAL A 13 1.63 -20.07 15.89
C VAL A 13 0.47 -19.49 15.08
N GLY A 14 -0.52 -18.93 15.79
CA GLY A 14 -1.66 -18.33 15.13
C GLY A 14 -2.88 -19.22 15.19
N ALA A 15 -4.00 -18.62 15.54
CA ALA A 15 -5.27 -19.34 15.58
C ALA A 15 -6.27 -18.69 14.61
N GLY A 16 -5.84 -18.43 13.35
CA GLY A 16 -6.76 -18.22 12.26
C GLY A 16 -7.20 -19.58 11.73
N VAL A 17 -7.78 -19.61 10.53
CA VAL A 17 -8.38 -20.88 10.11
C VAL A 17 -7.30 -21.95 9.83
N SER A 18 -6.10 -21.55 9.39
CA SER A 18 -4.96 -22.48 9.18
C SER A 18 -4.58 -23.22 10.46
N GLY A 19 -4.36 -22.45 11.52
CA GLY A 19 -3.97 -23.02 12.79
C GLY A 19 -5.05 -23.86 13.39
N LEU A 20 -6.32 -23.38 13.34
CA LEU A 20 -7.43 -24.19 13.87
C LEU A 20 -7.61 -25.47 13.04
N TYR A 21 -7.35 -25.41 11.74
CA TYR A 21 -7.43 -26.62 10.91
C TYR A 21 -6.30 -27.63 11.23
N ILE A 22 -5.07 -27.15 11.47
CA ILE A 22 -4.03 -28.09 11.92
C ILE A 22 -4.50 -28.83 13.17
N ALA A 23 -5.00 -28.07 14.14
CA ALA A 23 -5.47 -28.68 15.39
C ALA A 23 -6.61 -29.66 15.13
N MET A 24 -7.55 -29.27 14.27
CA MET A 24 -8.69 -30.14 13.95
C MET A 24 -8.21 -31.46 13.36
N ILE A 25 -7.21 -31.39 12.48
CA ILE A 25 -6.71 -32.64 11.90
C ILE A 25 -6.03 -33.48 12.98
N LEU A 26 -5.16 -32.87 13.80
CA LEU A 26 -4.50 -33.68 14.82
C LEU A 26 -5.50 -34.28 15.80
N ASP A 27 -6.54 -33.48 16.19
CA ASP A 27 -7.57 -33.99 17.10
C ASP A 27 -8.32 -35.15 16.47
N ASP A 28 -8.49 -35.12 15.14
CA ASP A 28 -9.19 -36.21 14.51
C ASP A 28 -8.33 -37.45 14.44
N LEU A 29 -7.01 -37.29 14.22
CA LEU A 29 -6.14 -38.45 14.11
C LEU A 29 -5.90 -39.13 15.45
N LYS A 30 -5.94 -38.36 16.55
CA LYS A 30 -5.74 -38.90 17.90
C LYS A 30 -4.46 -39.74 18.00
N ILE A 31 -3.34 -39.07 17.74
CA ILE A 31 -2.03 -39.71 17.71
C ILE A 31 -1.60 -39.90 19.16
N PRO A 32 -1.28 -41.13 19.57
CA PRO A 32 -0.95 -41.33 20.99
C PRO A 32 0.25 -40.50 21.42
N ASN A 33 0.10 -39.84 22.56
CA ASN A 33 1.13 -39.08 23.27
C ASN A 33 1.57 -37.84 22.52
N LEU A 34 0.82 -37.43 21.51
CA LEU A 34 1.09 -36.17 20.80
C LEU A 34 0.17 -35.08 21.32
N THR A 35 0.75 -33.92 21.65
CA THR A 35 -0.01 -32.73 22.04
C THR A 35 0.47 -31.52 21.26
N TYR A 36 -0.28 -30.43 21.42
CA TYR A 36 0.06 -29.17 20.76
C TYR A 36 -0.29 -28.04 21.69
N ASP A 37 0.40 -26.92 21.49
CA ASP A 37 0.00 -25.63 22.01
C ASP A 37 -0.30 -24.73 20.82
N ILE A 38 -1.39 -23.98 20.91
N ILE A 38 -1.37 -23.94 20.89
CA ILE A 38 -1.75 -22.92 19.97
CA ILE A 38 -1.66 -22.98 19.82
C ILE A 38 -1.51 -21.60 20.68
C ILE A 38 -1.68 -21.58 20.48
N PHE A 39 -0.72 -20.74 20.08
CA PHE A 39 -0.50 -19.41 20.62
C PHE A 39 -1.06 -18.38 19.64
N GLU A 40 -1.93 -17.50 20.11
CA GLU A 40 -2.54 -16.48 19.27
C GLU A 40 -2.23 -15.11 19.86
N SER A 41 -1.68 -14.22 19.03
CA SER A 41 -1.25 -12.91 19.51
C SER A 41 -2.43 -12.04 19.95
N SER A 42 -3.55 -12.12 19.25
CA SER A 42 -4.72 -11.30 19.48
C SER A 42 -5.49 -11.80 20.70
N SER A 43 -6.28 -10.89 21.30
CA SER A 43 -7.25 -11.37 22.27
C SER A 43 -8.35 -12.18 21.61
N ARG A 44 -8.48 -12.07 20.29
CA ARG A 44 -9.54 -12.70 19.49
C ARG A 44 -8.98 -13.87 18.68
N THR A 45 -9.77 -14.92 18.54
CA THR A 45 -9.44 -16.08 17.72
C THR A 45 -10.17 -16.00 16.39
N GLY A 46 -9.48 -16.38 15.29
CA GLY A 46 -10.16 -16.52 13.99
C GLY A 46 -9.45 -15.77 12.88
N GLY A 47 -8.63 -14.78 13.24
CA GLY A 47 -7.84 -14.08 12.23
C GLY A 47 -8.73 -13.39 11.19
N ARG A 48 -8.44 -13.68 9.91
CA ARG A 48 -9.21 -13.08 8.84
C ARG A 48 -10.56 -13.73 8.64
N LEU A 49 -11.00 -14.65 9.52
CA LEU A 49 -12.43 -14.95 9.60
C LEU A 49 -12.92 -14.08 10.75
N TYR A 50 -13.71 -13.07 10.44
CA TYR A 50 -14.03 -12.06 11.47
C TYR A 50 -15.36 -11.37 11.13
N THR A 51 -16.43 -11.78 11.81
CA THR A 51 -17.76 -11.17 11.65
C THR A 51 -17.88 -10.06 12.70
N HIS A 52 -18.36 -8.87 12.27
CA HIS A 52 -18.68 -7.75 13.16
C HIS A 52 -20.19 -7.79 13.40
N HIS A 53 -20.61 -8.05 14.65
CA HIS A 53 -22.01 -7.97 15.02
C HIS A 53 -22.27 -6.59 15.62
N PHE A 54 -23.13 -5.79 14.96
CA PHE A 54 -23.52 -4.50 15.53
C PHE A 54 -24.37 -4.70 16.78
N THR A 55 -25.23 -5.70 16.75
CA THR A 55 -26.00 -6.13 17.91
C THR A 55 -26.16 -7.64 17.77
N ASP A 56 -26.89 -8.26 18.72
N ASP A 56 -26.90 -8.25 18.71
CA ASP A 56 -27.09 -9.70 18.62
CA ASP A 56 -27.12 -9.69 18.64
C ASP A 56 -28.28 -10.08 17.75
C ASP A 56 -28.25 -10.08 17.71
N ALA A 57 -28.93 -9.11 17.12
CA ALA A 57 -30.09 -9.39 16.26
C ALA A 57 -29.62 -10.19 15.04
N LYS A 58 -30.48 -11.07 14.50
CA LYS A 58 -30.04 -12.23 13.72
C LYS A 58 -29.16 -11.89 12.51
N HIS A 59 -29.49 -10.84 11.78
CA HIS A 59 -28.79 -10.43 10.55
C HIS A 59 -28.01 -9.13 10.72
N ASP A 60 -27.73 -8.73 11.97
CA ASP A 60 -27.21 -7.38 12.20
C ASP A 60 -25.70 -7.42 12.27
N TYR A 61 -25.10 -7.77 11.13
CA TYR A 61 -23.67 -8.03 11.11
C TYR A 61 -23.17 -7.77 9.68
N TYR A 62 -21.84 -7.69 9.58
CA TYR A 62 -21.19 -7.91 8.30
C TYR A 62 -19.88 -8.65 8.53
N ASP A 63 -19.39 -9.28 7.45
CA ASP A 63 -18.13 -10.02 7.56
C ASP A 63 -16.96 -9.09 7.14
N ILE A 64 -16.05 -8.90 8.08
CA ILE A 64 -14.88 -8.05 7.84
C ILE A 64 -13.89 -8.76 6.93
N GLY A 65 -13.69 -10.03 7.13
CA GLY A 65 -12.79 -10.82 6.31
C GLY A 65 -13.64 -11.71 5.38
N ALA A 66 -13.40 -13.00 5.40
CA ALA A 66 -14.04 -13.88 4.42
C ALA A 66 -15.55 -13.83 4.51
N MET A 67 -16.20 -13.87 3.36
CA MET A 67 -17.66 -13.76 3.35
CA MET A 67 -17.65 -13.68 3.28
C MET A 67 -18.37 -14.57 2.28
N ARG A 68 -17.71 -15.05 1.20
CA ARG A 68 -18.43 -15.68 0.09
C ARG A 68 -17.60 -16.82 -0.48
N TYR A 69 -18.28 -17.86 -0.96
CA TYR A 69 -17.56 -19.09 -1.32
C TYR A 69 -18.16 -19.65 -2.59
N PRO A 70 -17.40 -19.73 -3.69
CA PRO A 70 -17.94 -20.39 -4.89
C PRO A 70 -17.73 -21.91 -4.83
N ASP A 71 -18.80 -22.65 -5.12
CA ASP A 71 -18.79 -24.12 -5.09
C ASP A 71 -18.15 -24.63 -6.39
N ILE A 72 -16.83 -24.61 -6.42
CA ILE A 72 -16.05 -25.08 -7.58
C ILE A 72 -15.13 -26.22 -7.10
N PRO A 73 -14.78 -27.21 -7.96
CA PRO A 73 -14.02 -28.37 -7.48
C PRO A 73 -12.76 -28.07 -6.67
N SER A 74 -12.01 -27.00 -7.02
CA SER A 74 -10.75 -26.74 -6.36
C SER A 74 -10.99 -26.25 -4.95
N MET A 75 -12.23 -25.88 -4.61
N MET A 75 -12.23 -25.88 -4.61
CA MET A 75 -12.56 -25.46 -3.25
CA MET A 75 -12.59 -25.46 -3.25
C MET A 75 -13.33 -26.52 -2.47
C MET A 75 -13.31 -26.53 -2.46
N LYS A 76 -13.32 -27.78 -2.94
CA LYS A 76 -14.01 -28.83 -2.19
C LYS A 76 -13.55 -28.93 -0.73
N ARG A 77 -12.29 -28.75 -0.42
CA ARG A 77 -11.87 -28.86 0.99
C ARG A 77 -12.54 -27.82 1.89
N THR A 78 -12.81 -26.61 1.35
CA THR A 78 -13.55 -25.60 2.09
C THR A 78 -14.97 -26.06 2.39
N PHE A 79 -15.69 -26.49 1.35
CA PHE A 79 -17.05 -26.96 1.57
C PHE A 79 -17.10 -28.19 2.45
N ASN A 80 -16.06 -29.05 2.43
CA ASN A 80 -16.04 -30.18 3.36
C ASN A 80 -15.88 -29.73 4.80
N LEU A 81 -15.10 -28.66 5.02
CA LEU A 81 -15.01 -28.11 6.38
C LEU A 81 -16.36 -27.55 6.83
N PHE A 82 -17.03 -26.84 5.93
CA PHE A 82 -18.35 -26.30 6.22
C PHE A 82 -19.28 -27.44 6.62
N LYS A 83 -19.25 -28.53 5.87
CA LYS A 83 -20.12 -29.67 6.16
C LYS A 83 -19.75 -30.33 7.50
N ARG A 84 -18.48 -30.55 7.76
CA ARG A 84 -18.05 -31.18 9.00
C ARG A 84 -18.48 -30.37 10.21
N THR A 85 -18.47 -29.04 10.10
CA THR A 85 -18.80 -28.18 11.24
C THR A 85 -20.27 -27.78 11.26
N GLY A 86 -21.09 -28.25 10.32
CA GLY A 86 -22.50 -27.94 10.37
C GLY A 86 -22.85 -26.50 10.03
N MET A 87 -22.08 -25.87 9.15
CA MET A 87 -22.35 -24.46 8.86
C MET A 87 -23.69 -24.27 8.18
N PRO A 88 -24.46 -23.27 8.58
CA PRO A 88 -25.71 -22.96 7.91
C PRO A 88 -25.45 -22.17 6.64
N LEU A 89 -25.19 -22.86 5.52
CA LEU A 89 -24.99 -22.19 4.26
C LEU A 89 -26.30 -21.73 3.64
N ILE A 90 -26.25 -20.56 3.04
CA ILE A 90 -27.33 -20.03 2.24
C ILE A 90 -26.70 -19.48 0.96
N LYS A 91 -27.54 -19.28 -0.07
CA LYS A 91 -27.08 -18.75 -1.33
C LYS A 91 -26.47 -17.35 -1.16
N TYR A 92 -25.36 -17.11 -1.84
CA TYR A 92 -24.75 -15.79 -1.95
C TYR A 92 -24.93 -15.39 -3.40
N TYR A 93 -25.54 -14.22 -3.64
CA TYR A 93 -25.77 -13.69 -4.99
C TYR A 93 -24.60 -12.82 -5.41
N LEU A 94 -23.70 -13.39 -6.20
CA LEU A 94 -22.61 -12.59 -6.71
C LEU A 94 -23.14 -11.48 -7.62
N ASP A 95 -24.09 -11.83 -8.48
CA ASP A 95 -24.72 -10.90 -9.42
C ASP A 95 -26.18 -10.79 -8.99
N GLY A 96 -26.69 -9.61 -8.95
CA GLY A 96 -28.05 -9.63 -8.43
C GLY A 96 -29.00 -9.20 -9.52
N GLU A 97 -30.01 -8.42 -9.16
CA GLU A 97 -30.92 -7.77 -10.08
C GLU A 97 -30.83 -6.28 -9.82
N ASN A 98 -30.84 -5.50 -10.89
CA ASN A 98 -31.03 -4.05 -10.86
C ASN A 98 -29.88 -3.32 -10.15
N THR A 99 -28.71 -3.94 -10.10
CA THR A 99 -27.59 -3.25 -9.46
C THR A 99 -26.98 -2.20 -10.40
N PRO A 100 -26.81 -0.98 -9.93
CA PRO A 100 -26.28 0.09 -10.77
C PRO A 100 -24.77 -0.03 -10.94
N GLN A 101 -24.30 0.42 -12.09
CA GLN A 101 -22.86 0.50 -12.37
C GLN A 101 -22.61 1.91 -12.89
N LEU A 102 -21.66 2.64 -12.26
CA LEU A 102 -21.54 4.08 -12.50
C LEU A 102 -20.09 4.42 -12.79
N TYR A 103 -19.81 4.85 -14.03
CA TYR A 103 -18.46 5.25 -14.41
C TYR A 103 -18.57 6.55 -15.20
N ASN A 104 -17.63 7.46 -14.97
CA ASN A 104 -17.66 8.77 -15.64
C ASN A 104 -19.03 9.42 -15.52
N ASN A 105 -19.63 9.30 -14.34
CA ASN A 105 -20.95 9.87 -13.98
C ASN A 105 -22.07 9.42 -14.88
N HIS A 106 -21.93 8.26 -15.53
CA HIS A 106 -22.98 7.67 -16.37
C HIS A 106 -23.31 6.28 -15.86
N PHE A 107 -24.60 5.91 -15.92
CA PHE A 107 -25.00 4.54 -15.61
C PHE A 107 -24.88 3.62 -16.82
N PHE A 108 -24.57 2.36 -16.51
CA PHE A 108 -24.50 1.37 -17.57
C PHE A 108 -25.87 1.18 -18.20
N ALA A 109 -25.88 0.93 -19.51
CA ALA A 109 -27.07 0.58 -20.29
C ALA A 109 -26.68 -0.54 -21.25
N LYS A 110 -27.51 -1.58 -21.33
CA LYS A 110 -27.22 -2.70 -22.22
C LYS A 110 -27.54 -2.33 -23.66
N GLY A 111 -26.76 -2.88 -24.60
CA GLY A 111 -27.01 -2.66 -26.02
C GLY A 111 -26.75 -1.26 -26.51
N VAL A 112 -26.05 -0.43 -25.72
CA VAL A 112 -25.67 0.93 -26.08
C VAL A 112 -24.16 0.99 -26.23
N VAL A 113 -23.66 1.68 -27.26
CA VAL A 113 -22.22 1.80 -27.48
C VAL A 113 -21.67 2.83 -26.48
N ASP A 114 -20.63 2.43 -25.75
CA ASP A 114 -19.89 3.34 -24.86
C ASP A 114 -20.85 4.11 -23.95
N PRO A 115 -21.65 3.42 -23.15
CA PRO A 115 -22.59 4.12 -22.26
C PRO A 115 -21.92 5.09 -21.29
N TYR A 116 -20.68 4.81 -20.88
CA TYR A 116 -20.01 5.70 -19.95
C TYR A 116 -19.32 6.87 -20.62
N MET A 117 -19.29 6.91 -21.96
CA MET A 117 -18.71 8.02 -22.71
C MET A 117 -17.24 8.24 -22.39
N VAL A 118 -16.46 7.16 -22.42
CA VAL A 118 -15.03 7.24 -22.18
C VAL A 118 -14.23 6.85 -23.42
N SER A 119 -14.90 6.46 -24.52
CA SER A 119 -14.14 6.05 -25.68
C SER A 119 -13.63 7.27 -26.47
N VAL A 120 -12.66 6.99 -27.34
CA VAL A 120 -12.11 8.01 -28.22
C VAL A 120 -13.22 8.69 -29.01
N ALA A 121 -14.17 7.89 -29.53
CA ALA A 121 -15.29 8.44 -30.30
C ALA A 121 -16.06 9.49 -29.51
N ASN A 122 -16.13 9.38 -28.17
CA ASN A 122 -16.88 10.30 -27.35
C ASN A 122 -16.02 11.25 -26.51
N GLY A 123 -14.76 11.44 -26.88
CA GLY A 123 -13.96 12.41 -26.19
C GLY A 123 -13.08 11.87 -25.09
N GLY A 124 -13.08 10.56 -24.85
CA GLY A 124 -12.16 9.95 -23.90
C GLY A 124 -10.95 9.38 -24.61
N THR A 125 -10.22 8.51 -23.92
CA THR A 125 -9.06 7.89 -24.55
C THR A 125 -9.13 6.36 -24.57
N VAL A 126 -10.27 5.76 -24.18
CA VAL A 126 -10.39 4.30 -24.29
C VAL A 126 -10.61 3.95 -25.76
N PRO A 127 -9.85 3.02 -26.33
CA PRO A 127 -10.07 2.65 -27.75
C PRO A 127 -11.49 2.17 -27.97
N ASP A 128 -12.07 2.64 -29.08
CA ASP A 128 -13.45 2.23 -29.37
C ASP A 128 -13.62 0.71 -29.41
N ASP A 129 -12.63 -0.02 -29.90
CA ASP A 129 -12.79 -1.46 -30.00
C ASP A 129 -12.60 -2.19 -28.67
N VAL A 130 -12.23 -1.47 -27.58
CA VAL A 130 -12.05 -2.07 -26.27
C VAL A 130 -13.15 -1.67 -25.28
N VAL A 131 -13.72 -0.46 -25.44
CA VAL A 131 -14.53 0.10 -24.36
C VAL A 131 -15.69 -0.81 -23.97
N ASP A 132 -16.29 -1.51 -24.94
CA ASP A 132 -17.47 -2.31 -24.63
C ASP A 132 -17.16 -3.80 -24.60
N SER A 133 -15.91 -4.18 -24.72
CA SER A 133 -15.54 -5.59 -24.88
C SER A 133 -14.46 -6.00 -23.90
N VAL A 134 -14.46 -5.40 -22.71
CA VAL A 134 -13.46 -5.80 -21.71
C VAL A 134 -13.61 -7.27 -21.36
N GLY A 135 -14.84 -7.73 -21.12
CA GLY A 135 -15.03 -9.11 -20.73
C GLY A 135 -14.47 -10.05 -21.79
N GLU A 136 -14.83 -9.79 -23.04
CA GLU A 136 -14.40 -10.65 -24.13
C GLU A 136 -12.88 -10.63 -24.29
N LYS A 137 -12.26 -9.45 -24.18
CA LYS A 137 -10.83 -9.37 -24.38
C LYS A 137 -10.07 -9.96 -23.19
N LEU A 138 -10.59 -9.82 -21.97
CA LEU A 138 -9.91 -10.50 -20.86
C LEU A 138 -10.16 -12.01 -20.90
N GLN A 139 -11.33 -12.44 -21.40
CA GLN A 139 -11.53 -13.89 -21.53
C GLN A 139 -10.57 -14.48 -22.56
N GLN A 140 -10.22 -13.72 -23.60
CA GLN A 140 -9.19 -14.12 -24.55
C GLN A 140 -7.79 -14.15 -23.90
N ALA A 141 -7.48 -13.18 -23.03
CA ALA A 141 -6.18 -13.17 -22.36
C ALA A 141 -6.06 -14.31 -21.36
N PHE A 142 -7.10 -14.56 -20.57
CA PHE A 142 -7.03 -15.51 -19.45
C PHE A 142 -7.56 -16.90 -19.75
N GLY A 143 -8.35 -17.05 -20.81
CA GLY A 143 -9.26 -18.18 -20.88
C GLY A 143 -8.55 -19.51 -21.09
N TYR A 144 -7.49 -19.51 -21.89
CA TYR A 144 -6.71 -20.75 -22.07
C TYR A 144 -6.31 -21.29 -20.73
N TYR A 145 -5.76 -20.40 -19.88
CA TYR A 145 -5.27 -20.86 -18.59
C TYR A 145 -6.43 -21.23 -17.69
N LYS A 146 -7.53 -20.45 -17.74
CA LYS A 146 -8.70 -20.78 -16.95
C LYS A 146 -9.19 -22.17 -17.26
N GLU A 147 -9.18 -22.53 -18.53
CA GLU A 147 -9.65 -23.87 -18.88
C GLU A 147 -8.70 -24.93 -18.37
N LYS A 148 -7.39 -24.69 -18.44
CA LYS A 148 -6.46 -25.69 -17.88
C LYS A 148 -6.64 -25.81 -16.37
N LEU A 149 -6.82 -24.68 -15.70
CA LEU A 149 -7.01 -24.71 -14.25
C LEU A 149 -8.28 -25.50 -13.90
N ALA A 150 -9.32 -25.37 -14.74
CA ALA A 150 -10.57 -26.11 -14.49
C ALA A 150 -10.36 -27.61 -14.68
N GLU A 151 -9.53 -28.02 -15.65
CA GLU A 151 -9.20 -29.44 -15.82
C GLU A 151 -8.50 -30.00 -14.61
N ASP A 152 -7.47 -29.28 -14.16
CA ASP A 152 -6.68 -29.74 -13.03
C ASP A 152 -5.96 -28.52 -12.48
N PHE A 153 -6.23 -28.13 -11.24
CA PHE A 153 -5.71 -26.81 -10.83
C PHE A 153 -4.19 -26.84 -10.75
N ASP A 154 -3.61 -27.90 -10.21
CA ASP A 154 -2.16 -27.89 -10.07
C ASP A 154 -1.44 -27.98 -11.42
N LYS A 155 -1.97 -28.78 -12.38
CA LYS A 155 -1.30 -28.82 -13.66
C LYS A 155 -1.51 -27.48 -14.39
N GLY A 156 -2.73 -26.91 -14.28
CA GLY A 156 -2.98 -25.62 -14.89
C GLY A 156 -2.03 -24.55 -14.34
N PHE A 157 -1.83 -24.57 -13.03
CA PHE A 157 -0.94 -23.61 -12.40
C PHE A 157 0.51 -23.77 -12.88
N ASP A 158 1.00 -25.02 -12.99
CA ASP A 158 2.36 -25.22 -13.48
C ASP A 158 2.56 -24.71 -14.91
N GLU A 159 1.52 -24.79 -15.74
CA GLU A 159 1.58 -24.30 -17.10
C GLU A 159 1.50 -22.78 -17.11
N LEU A 160 0.63 -22.22 -16.26
CA LEU A 160 0.58 -20.77 -16.05
C LEU A 160 1.91 -20.18 -15.55
N MET A 161 2.68 -20.94 -14.76
CA MET A 161 3.98 -20.45 -14.30
C MET A 161 4.96 -20.17 -15.43
N LEU A 162 4.77 -20.77 -16.60
CA LEU A 162 5.65 -20.45 -17.72
C LEU A 162 5.45 -19.03 -18.27
N VAL A 163 4.48 -18.24 -17.80
CA VAL A 163 4.36 -16.80 -18.14
C VAL A 163 4.29 -15.94 -16.87
N ASP A 164 4.70 -16.49 -15.73
CA ASP A 164 4.55 -15.75 -14.47
C ASP A 164 5.52 -14.58 -14.36
N ASP A 165 6.52 -14.49 -15.23
CA ASP A 165 7.38 -13.31 -15.19
C ASP A 165 6.64 -12.04 -15.55
N MET A 166 5.46 -12.12 -16.22
CA MET A 166 4.83 -10.89 -16.67
C MET A 166 3.80 -10.40 -15.66
N THR A 167 3.65 -9.08 -15.56
CA THR A 167 2.42 -8.51 -14.98
C THR A 167 1.24 -8.62 -15.96
N THR A 168 0.02 -8.41 -15.46
CA THR A 168 -1.12 -8.43 -16.38
C THR A 168 -0.98 -7.35 -17.45
N ARG A 169 -0.55 -6.15 -17.04
CA ARG A 169 -0.32 -5.06 -17.98
C ARG A 169 0.74 -5.45 -19.03
N GLU A 170 1.85 -6.07 -18.60
CA GLU A 170 2.90 -6.50 -19.53
C GLU A 170 2.34 -7.52 -20.53
N TYR A 171 1.53 -8.48 -20.05
CA TYR A 171 0.97 -9.48 -20.96
C TYR A 171 0.08 -8.83 -22.01
N LEU A 172 -0.74 -7.89 -21.57
CA LEU A 172 -1.66 -7.23 -22.50
C LEU A 172 -0.93 -6.31 -23.45
N LYS A 173 0.14 -5.64 -22.97
CA LYS A 173 0.90 -4.71 -23.78
C LYS A 173 1.67 -5.43 -24.87
N ARG A 174 2.32 -6.55 -24.53
N ARG A 174 2.32 -6.54 -24.53
CA ARG A 174 3.22 -7.20 -25.48
CA ARG A 174 3.22 -7.20 -25.47
C ARG A 174 2.52 -8.25 -26.34
C ARG A 174 2.52 -8.26 -26.32
N GLY A 175 1.25 -8.53 -26.07
CA GLY A 175 0.60 -9.64 -26.77
C GLY A 175 1.04 -11.02 -26.28
N GLY A 176 1.14 -11.22 -24.98
CA GLY A 176 1.58 -12.52 -24.42
C GLY A 176 3.06 -12.72 -24.60
N PRO A 177 3.55 -13.93 -24.33
CA PRO A 177 5.00 -14.15 -24.24
C PRO A 177 5.72 -14.13 -25.58
N LYS A 178 5.05 -14.32 -26.70
CA LYS A 178 5.78 -14.18 -27.96
C LYS A 178 5.17 -13.17 -28.90
N GLY A 179 4.24 -12.37 -28.43
CA GLY A 179 3.70 -11.31 -29.28
C GLY A 179 2.60 -11.73 -30.21
N GLU A 180 2.08 -12.93 -30.06
CA GLU A 180 1.06 -13.44 -30.99
C GLU A 180 -0.35 -13.24 -30.48
N ALA A 181 -0.51 -12.74 -29.27
CA ALA A 181 -1.82 -12.33 -28.81
C ALA A 181 -2.00 -10.86 -29.14
N PRO A 182 -3.22 -10.36 -28.98
CA PRO A 182 -3.49 -8.95 -29.25
C PRO A 182 -2.66 -8.07 -28.33
N LYS A 183 -2.15 -6.96 -28.88
CA LYS A 183 -1.39 -5.96 -28.13
C LYS A 183 -2.29 -4.76 -27.85
N TYR A 184 -2.29 -4.29 -26.60
CA TYR A 184 -3.19 -3.23 -26.14
C TYR A 184 -2.40 -2.00 -25.70
N ASP A 185 -2.96 -0.82 -25.97
CA ASP A 185 -2.28 0.42 -25.57
C ASP A 185 -2.57 0.71 -24.10
N PHE A 186 -1.85 1.69 -23.55
CA PHE A 186 -1.97 1.97 -22.12
C PHE A 186 -3.42 2.18 -21.70
N PHE A 187 -4.19 2.97 -22.47
CA PHE A 187 -5.52 3.32 -22.00
C PHE A 187 -6.49 2.14 -22.12
N ALA A 188 -6.29 1.28 -23.14
CA ALA A 188 -7.08 0.06 -23.16
C ALA A 188 -6.85 -0.75 -21.90
N ILE A 189 -5.59 -0.98 -21.54
CA ILE A 189 -5.28 -1.81 -20.38
C ILE A 189 -5.83 -1.14 -19.11
N GLN A 190 -5.73 0.19 -19.07
CA GLN A 190 -6.25 0.94 -17.93
C GLN A 190 -7.75 0.72 -17.76
N TRP A 191 -8.49 0.73 -18.87
CA TRP A 191 -9.94 0.51 -18.77
C TRP A 191 -10.24 -0.94 -18.38
N MET A 192 -9.48 -1.91 -18.93
CA MET A 192 -9.68 -3.31 -18.51
C MET A 192 -9.47 -3.48 -17.00
N GLU A 193 -8.45 -2.81 -16.46
CA GLU A 193 -8.21 -2.89 -15.03
C GLU A 193 -9.36 -2.25 -14.27
N THR A 194 -9.78 -1.04 -14.69
CA THR A 194 -10.88 -0.34 -14.03
C THR A 194 -12.16 -1.19 -14.01
N GLN A 195 -12.37 -1.98 -15.07
CA GLN A 195 -13.57 -2.79 -15.18
C GLN A 195 -13.37 -4.22 -14.72
N ASN A 196 -12.20 -4.54 -14.17
CA ASN A 196 -12.01 -5.93 -13.77
C ASN A 196 -11.55 -6.06 -12.32
N THR A 197 -10.82 -5.07 -11.80
CA THR A 197 -10.19 -5.25 -10.49
C THR A 197 -10.00 -3.88 -9.81
N GLY A 198 -9.17 -3.88 -8.80
CA GLY A 198 -8.87 -2.65 -8.04
C GLY A 198 -7.75 -1.84 -8.69
N THR A 199 -7.73 -0.54 -8.34
CA THR A 199 -6.78 0.42 -8.95
C THR A 199 -5.36 -0.10 -8.82
N ASN A 200 -4.62 -0.12 -9.94
CA ASN A 200 -3.21 -0.52 -10.08
C ASN A 200 -2.94 -2.05 -10.06
N LEU A 201 -3.96 -2.93 -9.87
CA LEU A 201 -3.60 -4.33 -9.66
C LEU A 201 -3.19 -5.03 -10.96
N PHE A 202 -3.35 -4.39 -12.11
CA PHE A 202 -2.81 -5.01 -13.32
C PHE A 202 -1.29 -4.87 -13.33
N ASP A 203 -0.74 -4.10 -12.39
CA ASP A 203 0.72 -4.05 -12.29
C ASP A 203 1.27 -5.13 -11.36
N GLN A 204 0.42 -6.03 -10.87
CA GLN A 204 0.88 -7.22 -10.15
C GLN A 204 0.89 -8.40 -11.12
N ALA A 205 1.09 -9.61 -10.61
CA ALA A 205 1.28 -10.77 -11.51
C ALA A 205 0.10 -11.04 -12.44
N PHE A 206 0.40 -11.30 -13.74
CA PHE A 206 -0.61 -11.88 -14.64
C PHE A 206 -1.23 -13.14 -14.04
N SER A 207 -0.41 -13.99 -13.43
CA SER A 207 -0.96 -15.24 -12.92
C SER A 207 -2.02 -15.00 -11.85
N GLU A 208 -1.88 -13.93 -11.04
CA GLU A 208 -2.89 -13.68 -10.02
C GLU A 208 -4.18 -13.14 -10.66
N SER A 209 -4.05 -12.32 -11.72
CA SER A 209 -5.25 -11.92 -12.45
C SER A 209 -5.94 -13.13 -13.07
N VAL A 210 -5.18 -14.09 -13.61
CA VAL A 210 -5.80 -15.29 -14.17
C VAL A 210 -6.56 -16.04 -13.09
N ILE A 211 -5.91 -16.27 -11.94
CA ILE A 211 -6.54 -17.06 -10.89
C ILE A 211 -7.75 -16.31 -10.31
N ASP A 212 -7.65 -14.97 -10.19
CA ASP A 212 -8.83 -14.24 -9.73
C ASP A 212 -10.00 -14.42 -10.68
N SER A 213 -9.73 -14.33 -11.99
CA SER A 213 -10.77 -14.51 -13.00
C SER A 213 -11.32 -15.93 -12.93
N PHE A 214 -10.43 -16.89 -12.67
CA PHE A 214 -10.84 -18.28 -12.53
C PHE A 214 -11.81 -18.45 -11.37
N ASP A 215 -11.56 -17.72 -10.27
CA ASP A 215 -12.45 -17.82 -9.11
C ASP A 215 -13.74 -16.99 -9.23
N PHE A 216 -13.71 -15.83 -9.86
CA PHE A 216 -14.88 -14.99 -9.94
C PHE A 216 -15.73 -15.27 -11.15
N ASP A 217 -15.15 -15.80 -12.21
CA ASP A 217 -15.88 -16.10 -13.45
C ASP A 217 -15.48 -17.52 -13.93
N ASN A 218 -15.68 -18.49 -13.04
CA ASN A 218 -15.25 -19.87 -13.30
C ASN A 218 -16.04 -20.45 -14.47
N PRO A 219 -15.39 -21.25 -15.30
CA PRO A 219 -16.09 -21.89 -16.44
C PRO A 219 -17.28 -22.74 -16.06
N THR A 220 -17.32 -23.30 -14.83
CA THR A 220 -18.43 -24.15 -14.39
C THR A 220 -19.64 -23.33 -13.99
N LYS A 221 -19.56 -21.99 -13.99
CA LYS A 221 -20.68 -21.12 -13.62
C LYS A 221 -21.30 -21.57 -12.30
N PRO A 222 -20.55 -21.46 -11.21
CA PRO A 222 -20.93 -22.02 -9.93
C PRO A 222 -22.01 -21.23 -9.19
N GLU A 223 -22.67 -21.98 -8.31
CA GLU A 223 -23.40 -21.43 -7.17
C GLU A 223 -22.41 -20.88 -6.16
N TRP A 224 -22.79 -19.75 -5.55
CA TRP A 224 -22.04 -19.16 -4.46
C TRP A 224 -22.79 -19.30 -3.15
N TYR A 225 -22.06 -19.38 -2.03
CA TYR A 225 -22.67 -19.54 -0.73
C TYR A 225 -22.08 -18.56 0.28
N CYS A 226 -22.84 -18.24 1.31
CA CYS A 226 -22.30 -17.56 2.48
C CYS A 226 -22.85 -18.25 3.76
N ILE A 227 -22.32 -17.90 4.91
CA ILE A 227 -22.70 -18.57 6.13
C ILE A 227 -23.72 -17.68 6.83
N GLU A 228 -24.96 -18.17 6.97
CA GLU A 228 -25.96 -17.28 7.57
C GLU A 228 -25.66 -17.12 9.07
N GLY A 229 -25.44 -15.89 9.51
CA GLY A 229 -24.97 -15.60 10.87
C GLY A 229 -23.52 -15.14 10.91
N GLY A 230 -22.82 -15.19 9.78
CA GLY A 230 -21.44 -14.69 9.74
C GLY A 230 -20.41 -15.81 9.75
N THR A 231 -19.29 -15.57 9.06
CA THR A 231 -18.23 -16.56 8.96
C THR A 231 -17.67 -16.93 10.32
N SER A 232 -17.73 -16.03 11.29
CA SER A 232 -17.21 -16.38 12.60
C SER A 232 -17.92 -17.56 13.23
N LEU A 233 -19.13 -17.93 12.76
CA LEU A 233 -19.72 -19.19 13.24
C LEU A 233 -18.77 -20.36 12.97
N LEU A 234 -17.97 -20.29 11.88
CA LEU A 234 -17.06 -21.38 11.61
C LEU A 234 -15.96 -21.42 12.66
N VAL A 235 -15.45 -20.25 13.04
CA VAL A 235 -14.41 -20.17 14.06
C VAL A 235 -14.94 -20.72 15.38
N ASP A 236 -16.17 -20.35 15.74
CA ASP A 236 -16.78 -20.89 16.95
C ASP A 236 -16.81 -22.41 16.94
N ALA A 237 -17.22 -22.98 15.83
CA ALA A 237 -17.36 -24.43 15.73
C ALA A 237 -16.01 -25.13 15.82
N MET A 238 -15.01 -24.57 15.13
CA MET A 238 -13.65 -25.10 15.18
C MET A 238 -13.07 -25.00 16.58
N LYS A 239 -13.31 -23.88 17.27
CA LYS A 239 -12.85 -23.73 18.65
C LYS A 239 -13.45 -24.76 19.57
N GLU A 240 -14.72 -25.08 19.35
CA GLU A 240 -15.35 -25.92 20.38
C GLU A 240 -14.83 -27.33 20.35
N THR A 241 -14.32 -27.81 19.21
CA THR A 241 -13.77 -29.16 19.21
C THR A 241 -12.33 -29.24 19.74
N LEU A 242 -11.62 -28.12 19.91
CA LEU A 242 -10.20 -28.18 20.24
C LEU A 242 -9.97 -28.98 21.52
N VAL A 243 -9.06 -29.97 21.45
CA VAL A 243 -8.63 -30.65 22.67
C VAL A 243 -7.77 -29.73 23.54
N HIS A 244 -6.91 -28.91 22.94
CA HIS A 244 -6.17 -27.91 23.71
C HIS A 244 -6.62 -26.55 23.20
N LYS A 245 -7.21 -25.74 24.07
CA LYS A 245 -7.79 -24.47 23.64
C LYS A 245 -6.71 -23.45 23.28
N VAL A 246 -7.11 -22.46 22.47
CA VAL A 246 -6.22 -21.38 22.10
C VAL A 246 -5.76 -20.62 23.33
N GLN A 247 -4.50 -20.26 23.33
CA GLN A 247 -3.94 -19.35 24.34
C GLN A 247 -3.77 -17.98 23.68
N ASN A 248 -4.71 -17.08 23.97
CA ASN A 248 -4.76 -15.75 23.34
C ASN A 248 -3.77 -14.82 24.06
N ASN A 249 -3.52 -13.65 23.46
CA ASN A 249 -2.57 -12.69 24.02
C ASN A 249 -1.18 -13.29 24.22
N LYS A 250 -0.77 -14.14 23.26
CA LYS A 250 0.53 -14.83 23.27
C LYS A 250 1.14 -14.55 21.90
N ARG A 251 1.90 -13.44 21.78
CA ARG A 251 2.53 -13.10 20.49
C ARG A 251 3.95 -13.65 20.44
N VAL A 252 4.17 -14.58 19.53
CA VAL A 252 5.45 -15.19 19.34
C VAL A 252 6.40 -14.17 18.72
N GLU A 253 7.60 -14.02 19.30
CA GLU A 253 8.55 -13.01 18.78
C GLU A 253 9.84 -13.65 18.24
N ALA A 254 10.00 -14.95 18.45
CA ALA A 254 11.18 -15.63 17.95
C ALA A 254 10.86 -17.12 17.86
N ILE A 255 11.50 -17.78 16.92
CA ILE A 255 11.39 -19.24 16.79
C ILE A 255 12.76 -19.81 16.53
N SER A 256 13.11 -20.91 17.23
CA SER A 256 14.47 -21.46 17.15
C SER A 256 14.46 -22.97 17.16
N ILE A 257 15.58 -23.54 16.67
CA ILE A 257 15.88 -24.95 16.88
C ILE A 257 17.30 -25.07 17.41
N ASP A 258 17.49 -26.01 18.33
CA ASP A 258 18.81 -26.25 18.94
C ASP A 258 19.36 -27.49 18.26
N LEU A 259 20.19 -27.29 17.22
CA LEU A 259 20.68 -28.39 16.39
C LEU A 259 21.69 -29.26 17.13
N ASP A 260 22.24 -28.76 18.23
CA ASP A 260 23.13 -29.56 19.05
C ASP A 260 22.40 -30.46 20.04
N ALA A 261 21.07 -30.42 20.08
CA ALA A 261 20.27 -31.27 20.96
C ALA A 261 19.76 -32.47 20.21
N PRO A 262 19.92 -33.69 20.75
CA PRO A 262 19.51 -34.89 20.01
C PRO A 262 18.01 -35.12 20.00
N ASP A 263 17.27 -34.47 20.88
CA ASP A 263 15.88 -34.82 21.08
C ASP A 263 15.01 -34.50 19.86
N ASP A 264 13.86 -35.17 19.77
CA ASP A 264 12.84 -34.73 18.81
C ASP A 264 12.37 -33.34 19.16
N GLY A 265 12.15 -33.09 20.46
CA GLY A 265 11.59 -31.85 20.94
C GLY A 265 12.60 -30.71 21.08
N ASN A 266 13.40 -30.40 20.05
CA ASN A 266 14.48 -29.42 20.23
C ASN A 266 14.15 -28.02 19.67
N MET A 267 12.89 -27.70 19.49
CA MET A 267 12.47 -26.36 19.02
C MET A 267 11.83 -25.56 20.13
N SER A 268 11.89 -24.24 19.99
N SER A 268 11.88 -24.24 19.98
CA SER A 268 11.33 -23.36 20.99
CA SER A 268 11.31 -23.37 20.99
C SER A 268 10.82 -22.09 20.33
C SER A 268 10.80 -22.10 20.32
N VAL A 269 9.92 -21.43 21.03
CA VAL A 269 9.46 -20.10 20.67
C VAL A 269 9.60 -19.16 21.88
N LYS A 270 9.72 -17.86 21.59
CA LYS A 270 9.80 -16.85 22.62
C LYS A 270 8.54 -15.99 22.59
N ILE A 271 7.92 -15.80 23.76
CA ILE A 271 6.72 -14.98 23.90
C ILE A 271 6.95 -14.05 25.08
N GLY A 272 6.86 -12.75 24.85
CA GLY A 272 7.10 -11.81 25.96
C GLY A 272 8.38 -12.06 26.71
N GLY A 273 9.47 -12.38 26.00
CA GLY A 273 10.79 -12.55 26.59
C GLY A 273 11.06 -13.91 27.20
N LYS A 274 10.07 -14.78 27.21
CA LYS A 274 10.14 -16.05 27.92
C LYS A 274 10.15 -17.18 26.90
N ASP A 275 10.97 -18.20 27.16
CA ASP A 275 11.09 -19.34 26.23
C ASP A 275 10.06 -20.42 26.54
N TYR A 276 9.45 -20.92 25.47
CA TYR A 276 8.50 -22.04 25.49
C TYR A 276 9.14 -23.13 24.65
N SER A 277 9.63 -24.19 25.30
CA SER A 277 10.54 -25.10 24.64
C SER A 277 9.91 -26.50 24.51
N GLY A 278 10.67 -27.42 23.88
CA GLY A 278 10.31 -28.81 23.84
C GLY A 278 9.43 -29.22 22.68
N TYR A 279 9.42 -28.44 21.59
CA TYR A 279 8.59 -28.73 20.43
C TYR A 279 9.30 -29.57 19.39
N SER A 280 8.58 -30.55 18.88
CA SER A 280 9.07 -31.39 17.79
C SER A 280 8.87 -30.79 16.41
N THR A 281 8.03 -29.77 16.29
CA THR A 281 7.77 -29.13 15.00
C THR A 281 7.04 -27.85 15.34
N VAL A 282 7.26 -26.80 14.55
CA VAL A 282 6.59 -25.51 14.69
C VAL A 282 5.91 -25.20 13.38
N PHE A 283 4.58 -24.98 13.43
CA PHE A 283 3.79 -24.55 12.29
C PHE A 283 3.55 -23.06 12.48
N ASN A 284 4.17 -22.22 11.65
CA ASN A 284 3.85 -20.79 11.72
C ASN A 284 2.70 -20.51 10.78
N THR A 285 1.59 -19.91 11.27
CA THR A 285 0.42 -19.72 10.38
C THR A 285 0.10 -18.26 10.16
N THR A 286 0.98 -17.35 10.59
CA THR A 286 0.68 -15.91 10.52
C THR A 286 0.89 -15.40 9.11
N ALA A 287 0.30 -14.22 8.82
CA ALA A 287 0.72 -13.52 7.61
C ALA A 287 2.22 -13.32 7.64
N LEU A 288 2.79 -13.16 6.42
CA LEU A 288 4.26 -13.12 6.33
C LEU A 288 4.87 -11.86 6.95
N GLY A 289 4.18 -10.73 6.93
CA GLY A 289 4.73 -9.56 7.60
C GLY A 289 4.92 -9.78 9.08
N CYS A 290 4.05 -10.55 9.71
CA CYS A 290 4.19 -10.81 11.13
C CYS A 290 5.36 -11.77 11.35
N LEU A 291 5.53 -12.71 10.42
CA LEU A 291 6.65 -13.64 10.56
C LEU A 291 7.98 -12.92 10.39
N ASP A 292 8.03 -11.96 9.47
CA ASP A 292 9.30 -11.27 9.22
C ASP A 292 9.79 -10.52 10.42
N ARG A 293 8.86 -10.01 11.26
CA ARG A 293 9.20 -9.26 12.48
C ARG A 293 9.80 -10.13 13.56
N MET A 294 9.60 -11.45 13.47
CA MET A 294 10.15 -12.34 14.47
C MET A 294 11.65 -12.49 14.27
N ASP A 295 12.37 -12.81 15.34
CA ASP A 295 13.80 -13.16 15.26
C ASP A 295 13.87 -14.64 14.91
N LEU A 296 14.21 -14.92 13.64
CA LEU A 296 14.24 -16.29 13.15
C LEU A 296 15.66 -16.78 12.96
N ARG A 297 16.63 -16.08 13.53
CA ARG A 297 18.02 -16.51 13.36
C ARG A 297 18.23 -17.95 13.79
N GLY A 298 17.58 -18.37 14.88
CA GLY A 298 17.67 -19.70 15.39
C GLY A 298 17.17 -20.78 14.44
N LEU A 299 16.60 -20.43 13.29
CA LEU A 299 16.15 -21.43 12.34
C LEU A 299 17.05 -21.61 11.14
N ASN A 300 17.99 -20.67 10.94
CA ASN A 300 18.98 -20.71 9.85
C ASN A 300 18.28 -20.87 8.51
N LEU A 301 17.30 -19.97 8.22
CA LEU A 301 16.52 -20.08 6.99
C LEU A 301 17.40 -19.76 5.77
N HIS A 302 17.18 -20.48 4.67
CA HIS A 302 17.81 -20.15 3.40
C HIS A 302 17.58 -18.68 3.10
N PRO A 303 18.57 -17.94 2.61
CA PRO A 303 18.36 -16.49 2.45
C PRO A 303 17.24 -16.17 1.48
N THR A 304 17.02 -16.98 0.42
CA THR A 304 15.91 -16.65 -0.48
C THR A 304 14.56 -16.94 0.18
N GLN A 305 14.52 -17.90 1.10
CA GLN A 305 13.30 -18.11 1.86
C GLN A 305 13.01 -16.88 2.71
N ALA A 306 14.07 -16.32 3.35
CA ALA A 306 13.92 -15.09 4.12
C ALA A 306 13.48 -13.94 3.21
N ASP A 307 14.00 -13.92 1.99
CA ASP A 307 13.61 -12.91 1.03
C ASP A 307 12.13 -13.01 0.72
N ALA A 308 11.62 -14.23 0.61
CA ALA A 308 10.21 -14.41 0.28
C ALA A 308 9.37 -13.84 1.39
N ILE A 309 9.76 -14.11 2.63
CA ILE A 309 8.97 -13.64 3.74
C ILE A 309 8.88 -12.12 3.70
N ARG A 310 10.01 -11.45 3.36
CA ARG A 310 9.98 -9.99 3.38
C ARG A 310 9.23 -9.49 2.17
N CYS A 311 9.35 -10.19 0.98
CA CYS A 311 9.12 -9.46 -0.25
C CYS A 311 7.86 -9.88 -0.97
N LEU A 312 7.37 -11.10 -0.74
CA LEU A 312 6.14 -11.49 -1.40
C LEU A 312 5.05 -10.44 -1.16
N HIS A 313 4.38 -10.04 -2.23
CA HIS A 313 3.52 -8.86 -2.14
C HIS A 313 2.15 -9.18 -1.53
N TYR A 314 1.68 -8.28 -0.66
CA TYR A 314 0.32 -8.33 -0.12
C TYR A 314 -0.53 -7.18 -0.67
N ASP A 315 -1.80 -7.48 -0.96
CA ASP A 315 -2.76 -6.45 -1.28
C ASP A 315 -3.32 -5.88 0.03
N ASN A 316 -3.98 -4.73 -0.08
CA ASN A 316 -4.70 -4.10 1.02
C ASN A 316 -6.18 -4.31 0.77
N SER A 317 -6.99 -4.19 1.82
CA SER A 317 -8.45 -4.22 1.59
C SER A 317 -9.13 -3.49 2.75
N THR A 318 -10.18 -2.76 2.41
CA THR A 318 -10.93 -2.03 3.43
C THR A 318 -12.42 -2.30 3.21
N LYS A 319 -13.15 -2.37 4.32
CA LYS A 319 -14.61 -2.53 4.26
C LYS A 319 -15.25 -1.47 5.15
N VAL A 320 -16.40 -0.99 4.67
CA VAL A 320 -17.21 -0.02 5.38
C VAL A 320 -18.66 -0.49 5.32
N ALA A 321 -19.28 -0.71 6.48
CA ALA A 321 -20.66 -1.21 6.54
C ALA A 321 -21.51 -0.22 7.33
N LEU A 322 -22.68 0.15 6.81
CA LEU A 322 -23.54 1.13 7.45
C LEU A 322 -24.87 0.45 7.78
N LYS A 323 -25.52 0.83 8.91
CA LYS A 323 -26.87 0.39 9.17
C LYS A 323 -27.89 1.44 8.76
N PHE A 324 -29.01 0.96 8.21
CA PHE A 324 -30.12 1.80 7.81
C PHE A 324 -31.41 1.34 8.50
N SER A 325 -32.34 2.31 8.68
CA SER A 325 -33.57 1.98 9.40
C SER A 325 -34.49 1.06 8.60
N TYR A 326 -34.32 1.00 7.28
CA TYR A 326 -34.97 0.01 6.43
C TYR A 326 -34.05 -0.23 5.24
N PRO A 327 -34.19 -1.40 4.54
CA PRO A 327 -33.28 -1.70 3.38
C PRO A 327 -33.76 -0.97 2.14
N TRP A 328 -33.42 0.34 2.07
CA TRP A 328 -33.90 1.18 0.98
C TRP A 328 -33.46 0.65 -0.38
N TRP A 329 -32.32 -0.09 -0.45
CA TRP A 329 -31.91 -0.55 -1.76
C TRP A 329 -32.87 -1.61 -2.28
N ILE A 330 -33.44 -2.41 -1.37
CA ILE A 330 -34.44 -3.43 -1.74
C ILE A 330 -35.75 -2.71 -2.09
N LYS A 331 -36.24 -1.91 -1.16
CA LYS A 331 -37.61 -1.39 -1.23
C LYS A 331 -37.75 -0.29 -2.27
N ASP A 332 -36.75 0.58 -2.37
CA ASP A 332 -36.88 1.74 -3.23
C ASP A 332 -36.15 1.58 -4.53
N CYS A 333 -35.13 0.71 -4.61
CA CYS A 333 -34.29 0.66 -5.79
C CYS A 333 -34.51 -0.63 -6.56
N GLY A 334 -35.31 -1.55 -6.03
CA GLY A 334 -35.57 -2.85 -6.63
C GLY A 334 -34.41 -3.80 -6.56
N ILE A 335 -33.47 -3.57 -5.64
CA ILE A 335 -32.22 -4.37 -5.59
C ILE A 335 -32.50 -5.50 -4.62
N THR A 336 -33.23 -6.51 -5.14
CA THR A 336 -33.96 -7.44 -4.29
C THR A 336 -33.23 -8.73 -4.03
N CYS A 337 -32.12 -8.98 -4.74
CA CYS A 337 -31.43 -10.25 -4.46
C CYS A 337 -29.92 -10.08 -4.57
N GLY A 338 -29.37 -9.22 -3.70
CA GLY A 338 -27.93 -9.23 -3.60
C GLY A 338 -27.20 -8.63 -4.79
N GLY A 339 -25.99 -9.17 -5.06
CA GLY A 339 -25.17 -8.62 -6.13
C GLY A 339 -24.33 -7.46 -5.59
N ALA A 340 -23.86 -6.65 -6.51
CA ALA A 340 -22.94 -5.57 -6.12
C ALA A 340 -22.98 -4.51 -7.19
N ALA A 341 -22.78 -3.28 -6.75
CA ALA A 341 -22.72 -2.13 -7.63
C ALA A 341 -21.28 -1.65 -7.70
N SER A 342 -20.74 -1.51 -8.90
CA SER A 342 -19.36 -1.09 -9.08
C SER A 342 -19.32 0.31 -9.65
N THR A 343 -18.23 1.01 -9.39
CA THR A 343 -18.20 2.42 -9.75
C THR A 343 -16.76 2.90 -9.66
N ASP A 344 -16.44 3.99 -10.37
CA ASP A 344 -15.12 4.61 -10.18
C ASP A 344 -15.13 5.59 -9.01
N LEU A 345 -16.32 5.85 -8.41
CA LEU A 345 -16.32 6.65 -7.18
C LEU A 345 -15.51 5.98 -6.10
N PRO A 346 -15.05 6.76 -5.10
CA PRO A 346 -14.17 6.21 -4.04
C PRO A 346 -14.63 4.93 -3.39
N LEU A 347 -15.94 4.71 -3.27
CA LEU A 347 -16.29 3.50 -2.53
C LEU A 347 -16.06 2.25 -3.36
N ARG A 348 -15.88 2.41 -4.67
CA ARG A 348 -15.60 1.38 -5.71
C ARG A 348 -16.61 0.25 -5.82
N THR A 349 -16.91 -0.46 -4.72
CA THR A 349 -17.89 -1.57 -4.78
C THR A 349 -18.81 -1.51 -3.60
N CYS A 350 -20.11 -1.54 -3.89
CA CYS A 350 -21.15 -1.58 -2.85
C CYS A 350 -21.82 -2.95 -2.94
N VAL A 351 -21.70 -3.75 -1.89
CA VAL A 351 -22.13 -5.16 -1.93
C VAL A 351 -23.45 -5.24 -1.18
N TYR A 352 -24.51 -5.69 -1.85
CA TYR A 352 -25.80 -5.80 -1.16
C TYR A 352 -25.87 -7.17 -0.47
N PRO A 353 -26.09 -7.24 0.85
CA PRO A 353 -26.00 -8.52 1.53
C PRO A 353 -27.00 -9.53 0.98
N SER A 354 -26.61 -10.81 1.05
CA SER A 354 -27.46 -11.91 0.60
C SER A 354 -28.20 -12.52 1.75
N TYR A 355 -27.96 -12.05 2.99
CA TYR A 355 -28.51 -12.70 4.16
C TYR A 355 -29.63 -11.91 4.82
N ASN A 356 -30.05 -10.74 4.27
CA ASN A 356 -31.16 -9.96 4.87
C ASN A 356 -32.26 -9.63 3.86
N LEU A 357 -32.40 -10.46 2.81
CA LEU A 357 -33.26 -10.13 1.67
C LEU A 357 -34.74 -10.02 2.03
N GLY A 358 -35.16 -10.74 3.08
CA GLY A 358 -36.55 -10.74 3.54
C GLY A 358 -36.83 -9.75 4.64
N ASP A 359 -35.81 -9.00 5.08
CA ASP A 359 -35.94 -8.14 6.25
C ASP A 359 -36.57 -6.81 5.86
N THR A 360 -37.42 -6.26 6.73
CA THR A 360 -38.01 -4.96 6.42
C THR A 360 -37.71 -3.92 7.50
N GLY A 361 -37.03 -4.30 8.57
CA GLY A 361 -36.59 -3.39 9.61
C GLY A 361 -35.17 -2.92 9.35
N GLU A 362 -34.42 -2.71 10.43
CA GLU A 362 -33.02 -2.29 10.26
C GLU A 362 -32.29 -3.28 9.38
N ALA A 363 -31.34 -2.77 8.58
CA ALA A 363 -30.58 -3.66 7.73
C ALA A 363 -29.19 -3.10 7.53
N VAL A 364 -28.24 -3.99 7.40
CA VAL A 364 -26.86 -3.63 7.10
C VAL A 364 -26.63 -3.56 5.60
N LEU A 365 -25.79 -2.61 5.17
CA LEU A 365 -25.30 -2.56 3.80
C LEU A 365 -23.79 -2.55 3.83
N LEU A 366 -23.13 -3.36 2.99
CA LEU A 366 -21.66 -3.33 2.90
C LEU A 366 -21.35 -2.26 1.85
N ALA A 367 -21.39 -0.98 2.29
CA ALA A 367 -21.43 0.12 1.34
C ALA A 367 -20.14 0.26 0.56
N SER A 368 -19.01 -0.20 1.11
CA SER A 368 -17.75 -0.07 0.35
C SER A 368 -16.86 -1.25 0.64
N TYR A 369 -16.37 -1.87 -0.43
CA TYR A 369 -15.42 -2.94 -0.30
C TYR A 369 -14.37 -2.64 -1.33
N THR A 370 -13.15 -2.39 -0.86
CA THR A 370 -12.08 -1.92 -1.76
C THR A 370 -10.80 -2.75 -1.59
N TRP A 371 -9.96 -2.71 -2.63
CA TRP A 371 -8.64 -3.36 -2.65
C TRP A 371 -7.60 -2.31 -3.00
N SER A 372 -6.32 -2.68 -2.83
CA SER A 372 -5.19 -1.94 -3.35
C SER A 372 -5.20 -0.44 -2.94
N GLN A 373 -4.81 0.44 -3.87
CA GLN A 373 -4.75 1.86 -3.50
C GLN A 373 -6.11 2.41 -3.11
N ASP A 374 -7.18 1.88 -3.69
CA ASP A 374 -8.50 2.32 -3.26
C ASP A 374 -8.71 2.03 -1.77
N ALA A 375 -8.29 0.83 -1.33
CA ALA A 375 -8.40 0.50 0.08
C ALA A 375 -7.50 1.36 0.96
N THR A 376 -6.29 1.68 0.50
CA THR A 376 -5.41 2.54 1.28
C THR A 376 -6.06 3.91 1.46
N ARG A 377 -6.69 4.39 0.39
CA ARG A 377 -7.29 5.73 0.48
C ARG A 377 -8.50 5.71 1.42
N ILE A 378 -9.43 4.74 1.27
CA ILE A 378 -10.54 4.68 2.24
C ILE A 378 -9.99 4.41 3.65
N GLY A 379 -9.01 3.51 3.75
CA GLY A 379 -8.45 3.17 5.04
C GLY A 379 -7.82 4.37 5.74
N SER A 380 -7.39 5.38 4.98
CA SER A 380 -6.82 6.56 5.67
C SER A 380 -7.85 7.30 6.49
N LEU A 381 -9.14 7.05 6.24
CA LEU A 381 -10.23 7.68 6.98
C LEU A 381 -10.78 6.78 8.09
N VAL A 382 -10.27 5.56 8.23
CA VAL A 382 -10.74 4.58 9.22
C VAL A 382 -9.94 4.73 10.49
N LYS A 383 -10.61 5.11 11.58
CA LYS A 383 -9.90 5.34 12.82
C LYS A 383 -10.30 4.35 13.90
N ASP A 384 -9.27 3.90 14.64
CA ASP A 384 -9.43 2.95 15.75
C ASP A 384 -10.48 3.40 16.75
N ALA A 385 -10.52 4.69 17.02
CA ALA A 385 -11.56 5.33 17.85
C ALA A 385 -12.26 6.32 16.94
N PRO A 386 -13.40 5.96 16.36
CA PRO A 386 -13.98 6.80 15.30
C PRO A 386 -14.45 8.12 15.87
N PRO A 387 -14.62 9.15 15.02
CA PRO A 387 -15.15 10.47 15.44
C PRO A 387 -16.62 10.42 15.80
N GLU A 392 -17.93 16.37 12.00
CA GLU A 392 -18.57 15.24 11.36
C GLU A 392 -17.52 14.25 10.85
N ASP A 393 -17.97 13.05 10.56
CA ASP A 393 -17.10 11.94 10.22
C ASP A 393 -16.94 11.94 8.72
N GLU A 394 -15.71 12.25 8.26
CA GLU A 394 -15.49 12.41 6.83
C GLU A 394 -15.83 11.15 6.07
N LEU A 395 -15.51 9.97 6.65
CA LEU A 395 -15.74 8.73 5.93
C LEU A 395 -17.24 8.49 5.75
N VAL A 396 -18.00 8.71 6.81
CA VAL A 396 -19.45 8.53 6.71
C VAL A 396 -20.02 9.45 5.64
N GLU A 397 -19.63 10.72 5.67
CA GLU A 397 -20.16 11.66 4.70
C GLU A 397 -19.75 11.25 3.29
N LEU A 398 -18.52 10.76 3.11
CA LEU A 398 -18.10 10.33 1.78
C LEU A 398 -18.96 9.18 1.30
N ILE A 399 -19.20 8.19 2.17
CA ILE A 399 -19.97 7.01 1.78
C ILE A 399 -21.41 7.40 1.44
N LEU A 400 -22.03 8.25 2.28
CA LEU A 400 -23.40 8.68 1.99
C LEU A 400 -23.47 9.40 0.65
N GLN A 401 -22.50 10.26 0.37
CA GLN A 401 -22.52 11.02 -0.89
C GLN A 401 -22.32 10.09 -2.06
N ASN A 402 -21.34 9.18 -1.96
CA ASN A 402 -21.13 8.22 -3.07
C ASN A 402 -22.35 7.32 -3.25
N LEU A 403 -22.95 6.88 -2.14
CA LEU A 403 -24.15 6.04 -2.25
C LEU A 403 -25.26 6.79 -2.97
N ALA A 404 -25.40 8.08 -2.67
CA ALA A 404 -26.46 8.82 -3.34
C ALA A 404 -26.20 8.92 -4.83
N ARG A 405 -24.94 9.16 -5.21
CA ARG A 405 -24.65 9.24 -6.64
C ARG A 405 -24.84 7.87 -7.30
N LEU A 406 -24.45 6.80 -6.60
CA LEU A 406 -24.55 5.49 -7.23
C LEU A 406 -25.99 5.06 -7.38
N HIS A 407 -26.86 5.57 -6.51
CA HIS A 407 -28.26 5.16 -6.52
C HIS A 407 -29.18 6.29 -6.96
N ALA A 408 -28.62 7.24 -7.72
CA ALA A 408 -29.35 8.44 -8.10
C ALA A 408 -30.56 8.14 -8.98
N GLU A 409 -30.65 6.93 -9.57
CA GLU A 409 -31.84 6.63 -10.37
C GLU A 409 -33.11 6.55 -9.50
N HIS A 410 -32.97 6.35 -8.19
CA HIS A 410 -34.11 6.17 -7.30
C HIS A 410 -34.02 6.91 -5.99
N MET A 411 -32.83 7.28 -5.51
CA MET A 411 -32.68 7.85 -4.17
C MET A 411 -32.09 9.24 -4.23
N THR A 412 -32.33 10.02 -3.20
CA THR A 412 -31.60 11.25 -2.97
C THR A 412 -30.60 11.06 -1.82
N TYR A 413 -29.61 11.96 -1.78
CA TYR A 413 -28.73 12.03 -0.62
C TYR A 413 -29.54 12.22 0.65
N GLU A 414 -30.56 13.10 0.59
CA GLU A 414 -31.31 13.39 1.81
C GLU A 414 -32.01 12.14 2.34
N LYS A 415 -32.59 11.32 1.46
CA LYS A 415 -33.30 10.15 1.94
C LYS A 415 -32.35 9.08 2.45
N ILE A 416 -31.20 8.91 1.77
CA ILE A 416 -30.24 7.94 2.26
C ILE A 416 -29.70 8.38 3.62
N LYS A 417 -29.37 9.67 3.77
CA LYS A 417 -28.86 10.16 5.04
C LYS A 417 -29.90 10.03 6.15
N GLU A 418 -31.17 10.33 5.85
CA GLU A 418 -32.21 10.18 6.85
C GLU A 418 -32.41 8.72 7.26
N ALA A 419 -32.24 7.77 6.31
CA ALA A 419 -32.38 6.36 6.65
C ALA A 419 -31.19 5.83 7.45
N TYR A 420 -30.03 6.43 7.29
CA TYR A 420 -28.83 6.01 8.00
C TYR A 420 -29.06 6.17 9.49
N THR A 421 -28.79 5.12 10.28
CA THR A 421 -29.09 5.20 11.71
C THR A 421 -27.98 5.86 12.53
N GLY A 422 -26.82 6.16 11.94
CA GLY A 422 -25.68 6.67 12.70
C GLY A 422 -24.75 5.59 13.24
N VAL A 423 -25.01 4.30 12.94
CA VAL A 423 -24.16 3.19 13.36
C VAL A 423 -23.47 2.66 12.11
N TYR A 424 -22.15 2.62 12.14
CA TYR A 424 -21.38 2.04 11.05
C TYR A 424 -20.10 1.49 11.63
N HIS A 425 -19.40 0.72 10.81
CA HIS A 425 -18.14 0.17 11.25
C HIS A 425 -17.28 0.07 10.00
N ALA A 426 -15.97 0.22 10.18
CA ALA A 426 -15.08 0.08 9.04
C ALA A 426 -13.78 -0.57 9.49
N TYR A 427 -13.01 -1.09 8.53
CA TYR A 427 -11.83 -1.86 8.91
C TYR A 427 -10.89 -1.90 7.73
N CYS A 428 -9.62 -1.56 7.97
CA CYS A 428 -8.60 -1.57 6.93
C CYS A 428 -7.56 -2.62 7.35
N TRP A 429 -7.49 -3.74 6.60
CA TRP A 429 -6.64 -4.85 7.03
C TRP A 429 -5.14 -4.52 7.10
N ALA A 430 -4.65 -3.60 6.25
CA ALA A 430 -3.24 -3.25 6.35
C ALA A 430 -2.92 -2.56 7.67
N ASN A 431 -3.92 -2.06 8.39
CA ASN A 431 -3.69 -1.39 9.66
C ASN A 431 -3.89 -2.33 10.84
N ASP A 432 -4.13 -3.59 10.58
CA ASP A 432 -4.26 -4.59 11.65
C ASP A 432 -2.86 -5.11 11.98
N PRO A 433 -2.35 -4.84 13.18
CA PRO A 433 -0.98 -5.27 13.52
C PRO A 433 -0.82 -6.79 13.44
N ASN A 434 -1.91 -7.54 13.57
CA ASN A 434 -1.84 -9.00 13.54
C ASN A 434 -1.87 -9.58 12.12
N VAL A 435 -1.84 -8.73 11.08
CA VAL A 435 -1.83 -9.26 9.71
C VAL A 435 -0.96 -8.38 8.83
N GLY A 436 -1.22 -7.07 8.84
CA GLY A 436 -0.33 -6.15 8.13
C GLY A 436 -0.60 -6.10 6.64
N GLY A 437 -1.80 -6.47 6.23
CA GLY A 437 -2.22 -6.55 4.84
C GLY A 437 -3.53 -7.33 4.82
N ALA A 438 -4.15 -7.36 3.63
CA ALA A 438 -5.33 -8.20 3.50
C ALA A 438 -4.95 -9.64 3.20
N PHE A 439 -4.11 -9.86 2.19
CA PHE A 439 -3.83 -11.22 1.74
C PHE A 439 -2.75 -11.10 0.68
N ALA A 440 -2.10 -12.21 0.42
CA ALA A 440 -1.11 -12.27 -0.65
C ALA A 440 -1.70 -11.98 -1.99
N LEU A 441 -0.97 -11.18 -2.78
CA LEU A 441 -1.34 -10.98 -4.16
C LEU A 441 0.00 -10.68 -4.83
N PHE A 442 0.60 -11.70 -5.39
CA PHE A 442 2.01 -11.68 -5.72
C PHE A 442 2.30 -10.76 -6.90
N GLY A 443 3.53 -10.23 -6.90
CA GLY A 443 4.03 -9.45 -8.03
C GLY A 443 4.57 -10.39 -9.11
N PRO A 444 5.00 -9.80 -10.21
CA PRO A 444 5.49 -10.61 -11.35
C PRO A 444 6.71 -11.40 -10.94
N GLY A 445 6.75 -12.67 -11.35
CA GLY A 445 7.89 -13.50 -11.04
C GLY A 445 7.88 -14.11 -9.66
N GLN A 446 7.03 -13.63 -8.75
CA GLN A 446 7.18 -14.09 -7.36
C GLN A 446 6.73 -15.56 -7.20
N PHE A 447 5.58 -15.94 -7.81
CA PHE A 447 5.11 -17.34 -7.70
C PHE A 447 6.12 -18.29 -8.29
N SER A 448 6.73 -17.88 -9.39
CA SER A 448 7.64 -18.85 -10.00
C SER A 448 9.05 -18.85 -9.41
N ASN A 449 9.48 -17.79 -8.73
CA ASN A 449 10.85 -17.66 -8.25
C ASN A 449 10.95 -17.67 -6.74
N LEU A 450 10.13 -16.87 -6.02
CA LEU A 450 10.26 -16.76 -4.55
C LEU A 450 9.44 -17.78 -3.82
N TYR A 451 8.24 -18.09 -4.32
CA TYR A 451 7.33 -19.01 -3.63
C TYR A 451 7.95 -20.38 -3.42
N PRO A 452 8.69 -20.96 -4.35
CA PRO A 452 9.30 -22.27 -4.04
C PRO A 452 10.24 -22.23 -2.84
N TYR A 453 10.94 -21.12 -2.65
CA TYR A 453 11.80 -21.00 -1.49
C TYR A 453 11.00 -20.73 -0.22
N LEU A 454 9.88 -20.02 -0.33
CA LEU A 454 9.03 -19.88 0.84
C LEU A 454 8.63 -21.25 1.37
N MET A 455 8.42 -22.19 0.45
CA MET A 455 7.90 -23.50 0.77
C MET A 455 9.01 -24.53 1.04
N ARG A 456 10.27 -24.09 1.12
CA ARG A 456 11.42 -25.02 1.21
C ARG A 456 11.52 -25.60 2.60
N PRO A 457 11.92 -26.88 2.75
CA PRO A 457 12.04 -27.44 4.10
C PRO A 457 13.04 -26.66 4.92
N ALA A 458 12.74 -26.49 6.19
CA ALA A 458 13.56 -25.66 7.06
C ALA A 458 13.70 -26.33 8.41
N ALA A 459 14.79 -26.03 9.12
CA ALA A 459 15.04 -26.60 10.44
C ALA A 459 15.03 -28.11 10.37
N GLY A 460 15.68 -28.64 9.32
CA GLY A 460 15.67 -30.08 9.10
C GLY A 460 14.28 -30.69 8.92
N GLY A 461 13.37 -29.99 8.23
CA GLY A 461 12.03 -30.51 8.10
C GLY A 461 11.09 -30.34 9.30
N LYS A 462 11.44 -29.53 10.31
CA LYS A 462 10.61 -29.35 11.50
C LYS A 462 9.92 -27.99 11.55
N PHE A 463 10.17 -27.11 10.59
CA PHE A 463 9.53 -25.79 10.60
C PHE A 463 8.73 -25.62 9.31
N HIS A 464 7.47 -25.13 9.46
CA HIS A 464 6.58 -24.94 8.32
C HIS A 464 5.98 -23.54 8.32
N ILE A 465 6.04 -22.92 7.16
CA ILE A 465 5.43 -21.60 6.94
C ILE A 465 4.11 -21.88 6.27
N VAL A 466 3.03 -21.71 7.02
CA VAL A 466 1.70 -22.17 6.65
C VAL A 466 0.78 -20.97 6.49
N GLY A 467 -0.25 -21.13 5.64
CA GLY A 467 -1.29 -20.12 5.56
C GLY A 467 -1.66 -19.80 4.11
N GLU A 468 -2.63 -18.89 3.93
CA GLU A 468 -3.08 -18.60 2.56
C GLU A 468 -1.94 -18.16 1.67
N ALA A 469 -0.94 -17.43 2.18
CA ALA A 469 0.15 -16.98 1.27
C ALA A 469 1.03 -18.17 0.85
N SER A 470 1.09 -19.19 1.71
CA SER A 470 1.82 -20.43 1.48
C SER A 470 0.95 -21.42 0.74
N SER A 471 0.31 -20.99 -0.36
CA SER A 471 -0.56 -21.85 -1.17
C SER A 471 -0.68 -21.16 -2.54
N VAL A 472 -1.23 -21.89 -3.49
CA VAL A 472 -1.51 -21.29 -4.80
C VAL A 472 -2.92 -20.71 -4.87
N HIS A 473 -3.63 -20.65 -3.73
CA HIS A 473 -4.99 -20.09 -3.66
C HIS A 473 -4.97 -18.95 -2.66
N HIS A 474 -4.29 -17.87 -3.05
CA HIS A 474 -4.29 -16.68 -2.21
C HIS A 474 -5.67 -16.12 -1.99
N ALA A 475 -5.86 -15.53 -0.81
CA ALA A 475 -7.05 -14.74 -0.50
C ALA A 475 -8.33 -15.56 -0.48
N TRP A 476 -8.26 -16.87 -0.26
CA TRP A 476 -9.42 -17.69 0.02
C TRP A 476 -9.12 -18.65 1.17
N ILE A 477 -10.19 -19.05 1.87
CA ILE A 477 -10.06 -20.09 2.89
C ILE A 477 -9.37 -21.32 2.32
N ILE A 478 -9.65 -21.66 1.07
CA ILE A 478 -9.11 -22.93 0.54
C ILE A 478 -7.58 -22.94 0.59
N GLY A 479 -6.95 -21.78 0.35
CA GLY A 479 -5.47 -21.75 0.39
C GLY A 479 -4.94 -22.06 1.78
N SER A 480 -5.56 -21.48 2.80
CA SER A 480 -5.20 -21.78 4.17
C SER A 480 -5.33 -23.25 4.50
N LEU A 481 -6.46 -23.86 4.08
CA LEU A 481 -6.69 -25.27 4.42
C LEU A 481 -5.74 -26.18 3.70
N GLU A 482 -5.45 -25.89 2.42
CA GLU A 482 -4.53 -26.74 1.66
C GLU A 482 -3.14 -26.64 2.28
N SER A 483 -2.72 -25.42 2.64
CA SER A 483 -1.40 -25.26 3.23
C SER A 483 -1.27 -25.98 4.57
N ALA A 484 -2.34 -25.95 5.39
CA ALA A 484 -2.32 -26.62 6.68
C ALA A 484 -2.28 -28.16 6.49
N TYR A 485 -3.05 -28.69 5.53
CA TYR A 485 -3.04 -30.13 5.25
C TYR A 485 -1.64 -30.56 4.82
N THR A 486 -1.04 -29.80 3.89
CA THR A 486 0.30 -30.17 3.40
C THR A 486 1.32 -30.17 4.50
N ALA A 487 1.25 -29.20 5.42
CA ALA A 487 2.24 -29.18 6.49
C ALA A 487 2.06 -30.36 7.44
N VAL A 488 0.80 -30.76 7.70
CA VAL A 488 0.62 -31.90 8.57
C VAL A 488 1.14 -33.15 7.90
N TYR A 489 0.94 -33.27 6.58
CA TYR A 489 1.51 -34.39 5.82
C TYR A 489 3.00 -34.43 6.03
N GLN A 490 3.67 -33.27 5.85
CA GLN A 490 5.11 -33.24 6.01
C GLN A 490 5.57 -33.58 7.42
N PHE A 491 4.83 -33.15 8.45
CA PHE A 491 5.17 -33.45 9.83
C PHE A 491 5.11 -34.96 10.09
N LEU A 492 4.02 -35.61 9.68
CA LEU A 492 3.89 -37.06 9.87
C LEU A 492 4.97 -37.82 9.11
N TYR A 493 5.27 -37.35 7.90
CA TYR A 493 6.31 -38.01 7.11
C TYR A 493 7.66 -37.88 7.78
N LYS A 494 7.99 -36.67 8.25
CA LYS A 494 9.29 -36.43 8.89
C LYS A 494 9.53 -37.38 10.08
N TYR A 495 8.49 -37.67 10.85
CA TYR A 495 8.64 -38.56 12.01
C TYR A 495 8.26 -40.01 11.69
N LYS A 496 8.04 -40.30 10.42
CA LYS A 496 7.79 -41.66 9.90
C LYS A 496 6.60 -42.28 10.59
N MET A 497 5.56 -41.46 10.84
CA MET A 497 4.37 -41.98 11.50
C MET A 497 3.46 -42.54 10.41
N TRP A 498 3.89 -43.68 9.86
CA TRP A 498 3.30 -44.18 8.63
C TRP A 498 1.83 -44.55 8.81
N ASP A 499 1.43 -45.17 9.96
CA ASP A 499 0.01 -45.44 10.16
C ASP A 499 -0.84 -44.17 10.06
N TYR A 500 -0.39 -43.11 10.76
CA TYR A 500 -1.15 -41.86 10.82
C TYR A 500 -1.03 -41.08 9.52
N LEU A 501 0.10 -41.18 8.82
CA LEU A 501 0.12 -40.63 7.46
C LEU A 501 -0.90 -41.35 6.55
N ARG A 502 -0.97 -42.70 6.60
CA ARG A 502 -1.97 -43.36 5.79
C ARG A 502 -3.38 -42.92 6.17
N LEU A 503 -3.63 -42.73 7.48
CA LEU A 503 -4.92 -42.27 7.98
C LEU A 503 -5.19 -40.82 7.55
N LEU A 504 -4.16 -39.98 7.57
CA LEU A 504 -4.33 -38.62 7.03
C LEU A 504 -4.85 -38.66 5.62
N LEU A 505 -4.22 -39.47 4.76
CA LEU A 505 -4.67 -39.55 3.38
C LEU A 505 -6.07 -40.12 3.29
N GLU A 506 -6.36 -41.16 4.10
CA GLU A 506 -7.66 -41.81 4.04
C GLU A 506 -8.78 -40.83 4.37
N ARG A 507 -8.58 -40.02 5.38
CA ARG A 507 -9.64 -39.22 5.94
C ARG A 507 -9.66 -37.77 5.45
N TRP A 508 -8.52 -37.25 5.08
CA TRP A 508 -8.37 -35.82 4.87
C TRP A 508 -7.93 -35.44 3.47
N GLN A 509 -7.68 -36.39 2.55
CA GLN A 509 -7.16 -35.95 1.26
C GLN A 509 -8.15 -35.06 0.50
N TYR A 510 -9.46 -35.16 0.71
CA TYR A 510 -10.33 -34.11 0.18
C TYR A 510 -10.89 -33.14 1.25
N GLY A 511 -10.36 -33.16 2.47
CA GLY A 511 -11.15 -32.57 3.56
C GLY A 511 -12.08 -33.61 4.17
N LEU A 512 -12.29 -33.51 5.47
CA LEU A 512 -13.20 -34.43 6.14
C LEU A 512 -14.62 -33.79 6.13
N GLU B 4 -8.26 50.36 -14.25
CA GLU B 4 -7.60 49.46 -13.32
C GLU B 4 -8.13 48.03 -13.50
N LEU B 5 -7.41 47.04 -12.99
CA LEU B 5 -7.91 45.67 -13.00
C LEU B 5 -9.19 45.55 -12.16
N PRO B 6 -10.15 44.76 -12.60
CA PRO B 6 -11.33 44.54 -11.80
C PRO B 6 -10.99 43.72 -10.58
N PRO B 7 -11.82 43.79 -9.54
CA PRO B 7 -11.59 42.93 -8.37
C PRO B 7 -11.77 41.46 -8.74
N ARG B 8 -10.81 40.66 -8.30
CA ARG B 8 -10.80 39.22 -8.55
C ARG B 8 -10.35 38.54 -7.27
N LYS B 9 -10.90 37.34 -7.03
CA LYS B 9 -10.36 36.53 -5.96
C LYS B 9 -10.19 35.10 -6.45
N VAL B 10 -9.18 34.46 -5.90
CA VAL B 10 -8.87 33.08 -6.25
C VAL B 10 -8.88 32.23 -4.98
N CYS B 11 -9.04 30.92 -5.17
CA CYS B 11 -9.12 30.01 -4.04
C CYS B 11 -7.91 29.10 -4.11
N ILE B 12 -7.22 28.93 -2.98
CA ILE B 12 -6.10 28.01 -2.87
C ILE B 12 -6.57 26.93 -1.92
N VAL B 13 -6.70 25.71 -2.44
CA VAL B 13 -7.10 24.56 -1.63
C VAL B 13 -5.84 23.89 -1.10
N GLY B 14 -5.66 23.98 0.21
CA GLY B 14 -4.56 23.38 0.89
C GLY B 14 -3.44 24.38 1.19
N ALA B 15 -2.87 24.28 2.39
CA ALA B 15 -1.76 25.15 2.82
C ALA B 15 -0.55 24.29 3.16
N GLY B 16 -0.19 23.39 2.26
CA GLY B 16 1.13 22.81 2.30
C GLY B 16 2.07 23.76 1.56
N VAL B 17 3.26 23.29 1.24
CA VAL B 17 4.25 24.24 0.66
C VAL B 17 3.79 24.78 -0.71
N SER B 18 3.13 23.96 -1.54
CA SER B 18 2.73 24.53 -2.84
C SER B 18 1.65 25.61 -2.68
N GLY B 19 0.66 25.41 -1.80
CA GLY B 19 -0.33 26.47 -1.59
C GLY B 19 0.27 27.73 -0.98
N LEU B 20 1.16 27.55 0.02
CA LEU B 20 1.85 28.68 0.62
C LEU B 20 2.71 29.41 -0.42
N TYR B 21 3.33 28.65 -1.34
CA TYR B 21 4.14 29.25 -2.42
C TYR B 21 3.31 30.06 -3.40
N ILE B 22 2.11 29.54 -3.77
CA ILE B 22 1.21 30.33 -4.60
C ILE B 22 0.96 31.67 -3.93
N ALA B 23 0.67 31.64 -2.64
CA ALA B 23 0.31 32.88 -1.96
C ALA B 23 1.52 33.81 -1.88
N MET B 24 2.71 33.21 -1.62
CA MET B 24 3.95 33.98 -1.60
C MET B 24 4.15 34.71 -2.91
N ILE B 25 3.91 34.01 -4.03
CA ILE B 25 4.11 34.65 -5.33
C ILE B 25 3.09 35.76 -5.52
N LEU B 26 1.83 35.50 -5.21
CA LEU B 26 0.81 36.55 -5.39
C LEU B 26 1.11 37.76 -4.51
N ASP B 27 1.53 37.52 -3.24
CA ASP B 27 1.87 38.62 -2.33
C ASP B 27 3.04 39.42 -2.88
N ASP B 28 3.97 38.76 -3.55
CA ASP B 28 5.12 39.48 -4.05
C ASP B 28 4.75 40.32 -5.26
N LEU B 29 3.90 39.77 -6.15
CA LEU B 29 3.50 40.53 -7.36
C LEU B 29 2.62 41.72 -7.02
N LYS B 30 1.80 41.62 -5.97
CA LYS B 30 0.93 42.73 -5.52
C LYS B 30 0.04 43.25 -6.64
N ILE B 31 -0.75 42.34 -7.17
CA ILE B 31 -1.60 42.68 -8.30
C ILE B 31 -2.79 43.47 -7.78
N PRO B 32 -3.06 44.66 -8.31
CA PRO B 32 -4.15 45.46 -7.77
C PRO B 32 -5.50 44.75 -7.83
N ASN B 33 -6.22 44.83 -6.72
CA ASN B 33 -7.59 44.36 -6.53
C ASN B 33 -7.71 42.84 -6.61
N LEU B 34 -6.58 42.13 -6.52
CA LEU B 34 -6.58 40.66 -6.48
C LEU B 34 -6.41 40.20 -5.03
N THR B 35 -7.28 39.28 -4.59
CA THR B 35 -7.13 38.63 -3.28
C THR B 35 -7.26 37.12 -3.43
N TYR B 36 -7.05 36.45 -2.30
CA TYR B 36 -7.15 34.99 -2.28
C TYR B 36 -7.65 34.56 -0.90
N ASP B 37 -8.30 33.39 -0.90
CA ASP B 37 -8.58 32.63 0.30
C ASP B 37 -7.76 31.36 0.21
N ILE B 38 -7.20 30.94 1.34
CA ILE B 38 -6.50 29.67 1.45
C ILE B 38 -7.24 28.84 2.47
N PHE B 39 -7.73 27.68 2.05
CA PHE B 39 -8.50 26.82 2.93
C PHE B 39 -7.69 25.55 3.18
N GLU B 40 -7.49 25.22 4.45
CA GLU B 40 -6.68 24.07 4.82
C GLU B 40 -7.55 23.13 5.65
N SER B 41 -7.59 21.84 5.27
CA SER B 41 -8.48 20.92 5.99
C SER B 41 -8.02 20.67 7.42
N SER B 42 -6.71 20.61 7.65
CA SER B 42 -6.15 20.24 8.93
C SER B 42 -6.19 21.46 9.87
N SER B 43 -6.14 21.17 11.17
CA SER B 43 -5.89 22.24 12.14
C SER B 43 -4.49 22.81 11.98
N ARG B 44 -3.60 22.04 11.35
CA ARG B 44 -2.18 22.36 11.17
C ARG B 44 -1.94 22.85 9.73
N THR B 45 -1.02 23.80 9.59
CA THR B 45 -0.56 24.29 8.29
C THR B 45 0.81 23.69 7.99
N GLY B 46 1.04 23.32 6.71
CA GLY B 46 2.38 22.88 6.28
C GLY B 46 2.35 21.54 5.54
N GLY B 47 1.32 20.75 5.78
CA GLY B 47 1.21 19.50 5.02
C GLY B 47 2.39 18.57 5.28
N ARG B 48 3.02 18.09 4.19
CA ARG B 48 4.16 17.20 4.33
C ARG B 48 5.45 17.88 4.72
N LEU B 49 5.43 19.16 5.04
CA LEU B 49 6.49 19.78 5.82
C LEU B 49 5.98 19.75 7.26
N TYR B 50 6.62 18.92 8.09
CA TYR B 50 6.00 18.62 9.40
C TYR B 50 7.12 18.18 10.32
N THR B 51 7.61 19.09 11.14
CA THR B 51 8.58 18.70 12.15
C THR B 51 7.86 18.33 13.44
N HIS B 52 8.27 17.23 14.06
CA HIS B 52 7.77 16.82 15.37
C HIS B 52 8.78 17.25 16.44
N HIS B 53 8.36 18.13 17.36
CA HIS B 53 9.21 18.54 18.47
C HIS B 53 8.81 17.76 19.71
N PHE B 54 9.71 16.90 20.21
CA PHE B 54 9.43 16.19 21.46
C PHE B 54 9.32 17.15 22.63
N THR B 55 10.20 18.16 22.65
CA THR B 55 10.20 19.27 23.61
C THR B 55 10.66 20.48 22.83
N ASP B 56 10.77 21.63 23.51
N ASP B 56 10.77 21.62 23.53
CA ASP B 56 11.28 22.80 22.80
CA ASP B 56 11.28 22.85 22.91
C ASP B 56 12.81 22.93 22.89
C ASP B 56 12.80 22.91 22.86
N ALA B 57 13.50 21.93 23.43
CA ALA B 57 14.96 21.91 23.39
C ALA B 57 15.46 21.90 21.94
N LYS B 58 16.63 22.55 21.72
CA LYS B 58 17.04 23.01 20.39
C LYS B 58 16.99 21.93 19.28
N HIS B 59 17.43 20.73 19.60
CA HIS B 59 17.59 19.66 18.61
C HIS B 59 16.63 18.51 18.90
N ASP B 60 15.63 18.73 19.73
CA ASP B 60 14.82 17.62 20.25
C ASP B 60 13.61 17.44 19.34
N TYR B 61 13.90 17.05 18.08
CA TYR B 61 12.87 16.96 17.05
C TYR B 61 13.29 15.92 16.03
N TYR B 62 12.33 15.53 15.19
CA TYR B 62 12.67 14.94 13.90
C TYR B 62 11.67 15.44 12.88
N ASP B 63 12.04 15.31 11.60
CA ASP B 63 11.10 15.72 10.55
C ASP B 63 10.33 14.49 10.09
N ILE B 64 9.01 14.59 10.18
CA ILE B 64 8.12 13.52 9.73
C ILE B 64 8.02 13.50 8.22
N GLY B 65 8.04 14.67 7.60
CA GLY B 65 8.03 14.75 6.13
C GLY B 65 9.40 15.15 5.62
N ALA B 66 9.46 16.22 4.81
CA ALA B 66 10.70 16.58 4.14
C ALA B 66 11.79 16.88 5.15
N MET B 67 13.02 16.44 4.84
N MET B 67 13.02 16.42 4.84
CA MET B 67 14.11 16.63 5.81
CA MET B 67 14.11 16.53 5.80
C MET B 67 15.48 16.90 5.19
C MET B 67 15.44 16.90 5.17
N ARG B 68 15.69 16.58 3.90
CA ARG B 68 17.04 16.70 3.33
C ARG B 68 16.98 17.22 1.90
N TYR B 69 18.02 17.98 1.44
CA TYR B 69 17.91 18.71 0.16
C TYR B 69 19.26 18.65 -0.54
N PRO B 70 19.38 18.02 -1.70
CA PRO B 70 20.67 18.03 -2.41
C PRO B 70 20.78 19.28 -3.26
N ASP B 71 21.92 19.96 -3.14
CA ASP B 71 22.13 21.21 -3.90
C ASP B 71 22.54 20.86 -5.33
N ILE B 72 21.53 20.57 -6.14
CA ILE B 72 21.71 20.28 -7.57
C ILE B 72 20.94 21.30 -8.38
N PRO B 73 21.36 21.59 -9.63
CA PRO B 73 20.73 22.67 -10.38
C PRO B 73 19.24 22.58 -10.51
N SER B 74 18.72 21.35 -10.68
CA SER B 74 17.28 21.19 -10.88
C SER B 74 16.51 21.54 -9.62
N MET B 75 17.17 21.70 -8.48
CA MET B 75 16.48 22.12 -7.27
CA MET B 75 16.49 22.11 -7.26
C MET B 75 16.81 23.55 -6.87
N LYS B 76 17.28 24.36 -7.81
CA LYS B 76 17.62 25.74 -7.44
C LYS B 76 16.40 26.47 -6.88
N ARG B 77 15.19 26.19 -7.37
CA ARG B 77 14.03 26.91 -6.86
C ARG B 77 13.81 26.63 -5.38
N THR B 78 14.11 25.40 -4.93
CA THR B 78 13.99 25.10 -3.51
C THR B 78 14.98 25.92 -2.70
N PHE B 79 16.25 25.92 -3.13
CA PHE B 79 17.27 26.66 -2.40
C PHE B 79 17.02 28.16 -2.46
N ASN B 80 16.42 28.66 -3.55
CA ASN B 80 16.06 30.08 -3.57
C ASN B 80 14.97 30.37 -2.54
N LEU B 81 14.02 29.44 -2.35
CA LEU B 81 13.00 29.63 -1.33
C LEU B 81 13.64 29.67 0.06
N PHE B 82 14.59 28.76 0.33
CA PHE B 82 15.33 28.76 1.58
C PHE B 82 16.04 30.10 1.79
N LYS B 83 16.68 30.63 0.74
CA LYS B 83 17.41 31.91 0.90
C LYS B 83 16.44 33.04 1.21
N ARG B 84 15.38 33.13 0.44
CA ARG B 84 14.39 34.18 0.60
C ARG B 84 13.78 34.18 1.98
N THR B 85 13.58 33.01 2.60
CA THR B 85 12.97 32.95 3.94
C THR B 85 13.99 32.90 5.07
N GLY B 86 15.29 32.98 4.76
CA GLY B 86 16.31 32.98 5.80
C GLY B 86 16.48 31.67 6.53
N MET B 87 16.30 30.53 5.83
CA MET B 87 16.40 29.27 6.54
C MET B 87 17.81 29.04 7.06
N PRO B 88 17.96 28.55 8.28
CA PRO B 88 19.28 28.22 8.80
C PRO B 88 19.73 26.85 8.31
N LEU B 89 20.36 26.82 7.15
CA LEU B 89 20.83 25.59 6.56
C LEU B 89 22.13 25.13 7.21
N ILE B 90 22.24 23.82 7.39
CA ILE B 90 23.47 23.17 7.80
C ILE B 90 23.65 21.93 6.93
N LYS B 91 24.84 21.38 6.97
CA LYS B 91 25.14 20.22 6.16
C LYS B 91 24.30 19.02 6.62
N TYR B 92 23.77 18.28 5.65
CA TYR B 92 23.17 16.96 5.89
C TYR B 92 24.14 15.91 5.34
N TYR B 93 24.47 14.92 6.16
CA TYR B 93 25.38 13.84 5.73
C TYR B 93 24.58 12.65 5.24
N LEU B 94 24.43 12.56 3.93
CA LEU B 94 23.78 11.40 3.33
C LEU B 94 24.52 10.12 3.67
N ASP B 95 25.86 10.17 3.56
CA ASP B 95 26.75 9.06 3.88
C ASP B 95 27.61 9.46 5.06
N GLY B 96 27.80 8.55 5.98
CA GLY B 96 28.49 9.13 7.11
C GLY B 96 29.83 8.48 7.24
N GLU B 97 30.18 8.13 8.46
CA GLU B 97 31.31 7.27 8.75
C GLU B 97 30.84 6.16 9.68
N ASN B 98 31.34 4.96 9.43
CA ASN B 98 31.18 3.83 10.33
C ASN B 98 29.74 3.35 10.43
N THR B 99 28.92 3.66 9.43
CA THR B 99 27.53 3.20 9.48
C THR B 99 27.43 1.73 9.08
N PRO B 100 26.76 0.90 9.90
CA PRO B 100 26.67 -0.53 9.61
C PRO B 100 25.66 -0.80 8.50
N GLN B 101 25.92 -1.87 7.78
CA GLN B 101 24.93 -2.40 6.81
C GLN B 101 24.79 -3.88 7.06
N LEU B 102 23.54 -4.36 7.19
CA LEU B 102 23.29 -5.70 7.70
C LEU B 102 22.28 -6.40 6.80
N TYR B 103 22.72 -7.43 6.06
CA TYR B 103 21.84 -8.21 5.21
C TYR B 103 22.16 -9.69 5.44
N ASN B 104 21.12 -10.51 5.46
CA ASN B 104 21.29 -11.93 5.74
C ASN B 104 22.13 -12.16 7.00
N ASN B 105 21.87 -11.36 8.02
CA ASN B 105 22.58 -11.43 9.32
C ASN B 105 24.10 -11.33 9.21
N HIS B 106 24.62 -10.66 8.18
CA HIS B 106 26.04 -10.37 8.04
C HIS B 106 26.26 -8.89 7.86
N PHE B 107 27.38 -8.41 8.41
CA PHE B 107 27.74 -7.01 8.20
C PHE B 107 28.56 -6.83 6.95
N PHE B 108 28.32 -5.71 6.29
CA PHE B 108 29.11 -5.34 5.15
C PHE B 108 30.56 -5.11 5.58
N ALA B 109 31.46 -5.44 4.66
CA ALA B 109 32.88 -5.11 4.80
C ALA B 109 33.44 -4.85 3.41
N LYS B 110 34.29 -3.87 3.29
CA LYS B 110 34.68 -3.49 1.96
C LYS B 110 35.74 -4.45 1.42
N GLY B 111 35.77 -4.64 0.10
CA GLY B 111 36.72 -5.58 -0.50
C GLY B 111 36.59 -7.05 -0.08
N VAL B 112 35.43 -7.46 0.45
CA VAL B 112 35.08 -8.85 0.69
C VAL B 112 34.17 -9.25 -0.46
N VAL B 113 34.38 -10.43 -1.05
CA VAL B 113 33.42 -10.93 -2.04
C VAL B 113 32.23 -11.52 -1.29
N ASP B 114 31.04 -11.09 -1.70
CA ASP B 114 29.78 -11.60 -1.15
C ASP B 114 29.79 -11.60 0.38
N PRO B 115 30.02 -10.44 1.01
CA PRO B 115 30.02 -10.42 2.49
C PRO B 115 28.73 -10.90 3.10
N TYR B 116 27.59 -10.70 2.44
CA TYR B 116 26.35 -11.12 3.05
C TYR B 116 26.01 -12.59 2.78
N MET B 117 26.81 -13.33 2.01
CA MET B 117 26.59 -14.76 1.76
C MET B 117 25.25 -15.05 1.08
N VAL B 118 24.94 -14.30 0.02
CA VAL B 118 23.70 -14.48 -0.71
C VAL B 118 23.93 -14.95 -2.12
N SER B 119 25.18 -15.03 -2.56
CA SER B 119 25.49 -15.45 -3.91
C SER B 119 25.28 -16.96 -4.09
N VAL B 120 25.08 -17.34 -5.36
CA VAL B 120 24.91 -18.74 -5.73
C VAL B 120 26.09 -19.53 -5.21
N ALA B 121 27.30 -18.97 -5.34
CA ALA B 121 28.47 -19.69 -4.85
C ALA B 121 28.39 -20.01 -3.36
N ASN B 122 27.70 -19.18 -2.56
CA ASN B 122 27.63 -19.39 -1.12
C ASN B 122 26.25 -19.90 -0.67
N GLY B 123 25.49 -20.52 -1.55
CA GLY B 123 24.23 -21.11 -1.15
C GLY B 123 23.00 -20.22 -1.26
N GLY B 124 23.14 -18.98 -1.72
CA GLY B 124 21.98 -18.12 -1.99
C GLY B 124 21.57 -18.26 -3.44
N THR B 125 20.75 -17.32 -3.91
CA THR B 125 20.36 -17.33 -5.32
C THR B 125 20.77 -16.08 -6.10
N VAL B 126 21.58 -15.19 -5.53
CA VAL B 126 21.99 -13.99 -6.28
C VAL B 126 23.13 -14.38 -7.21
N PRO B 127 23.05 -14.11 -8.52
CA PRO B 127 24.17 -14.48 -9.40
C PRO B 127 25.49 -13.89 -8.93
N ASP B 128 26.55 -14.70 -9.02
CA ASP B 128 27.84 -14.22 -8.55
C ASP B 128 28.26 -12.96 -9.29
N ASP B 129 27.93 -12.82 -10.57
CA ASP B 129 28.40 -11.61 -11.25
C ASP B 129 27.60 -10.36 -10.88
N VAL B 130 26.55 -10.47 -10.04
CA VAL B 130 25.77 -9.32 -9.65
C VAL B 130 25.96 -8.95 -8.17
N VAL B 131 26.28 -9.94 -7.32
CA VAL B 131 26.13 -9.76 -5.88
C VAL B 131 26.90 -8.55 -5.37
N ASP B 132 28.12 -8.33 -5.87
CA ASP B 132 28.93 -7.22 -5.39
C ASP B 132 28.93 -6.02 -6.34
N SER B 133 28.12 -6.03 -7.38
CA SER B 133 28.23 -4.98 -8.41
C SER B 133 26.87 -4.38 -8.73
N VAL B 134 26.00 -4.32 -7.72
CA VAL B 134 24.70 -3.66 -7.92
C VAL B 134 24.88 -2.22 -8.39
N GLY B 135 25.72 -1.44 -7.70
CA GLY B 135 25.88 -0.04 -8.07
C GLY B 135 26.29 0.12 -9.53
N GLU B 136 27.32 -0.63 -9.96
CA GLU B 136 27.76 -0.58 -11.36
C GLU B 136 26.66 -0.98 -12.33
N LYS B 137 25.93 -2.06 -12.02
CA LYS B 137 24.93 -2.54 -12.95
C LYS B 137 23.75 -1.55 -13.03
N LEU B 138 23.35 -0.95 -11.91
CA LEU B 138 22.29 0.05 -11.97
C LEU B 138 22.79 1.35 -12.59
N GLN B 139 24.09 1.68 -12.45
CA GLN B 139 24.59 2.85 -13.17
C GLN B 139 24.59 2.62 -14.68
N GLN B 140 24.83 1.39 -15.12
CA GLN B 140 24.69 1.03 -16.54
C GLN B 140 23.22 1.10 -16.98
N ALA B 141 22.27 0.71 -16.12
CA ALA B 141 20.87 0.75 -16.52
C ALA B 141 20.34 2.20 -16.55
N PHE B 142 20.71 3.01 -15.56
CA PHE B 142 20.18 4.37 -15.41
C PHE B 142 21.05 5.48 -15.98
N GLY B 143 22.34 5.20 -16.24
CA GLY B 143 23.32 6.27 -16.30
C GLY B 143 23.17 7.15 -17.52
N TYR B 144 22.80 6.57 -18.65
CA TYR B 144 22.59 7.38 -19.85
C TYR B 144 21.54 8.44 -19.58
N TYR B 145 20.43 8.01 -18.99
CA TYR B 145 19.36 8.95 -18.71
C TYR B 145 19.75 9.95 -17.63
N LYS B 146 20.47 9.50 -16.60
CA LYS B 146 20.94 10.42 -15.56
C LYS B 146 21.80 11.53 -16.17
N GLU B 147 22.64 11.17 -17.13
CA GLU B 147 23.48 12.20 -17.75
C GLU B 147 22.66 13.17 -18.58
N LYS B 148 21.64 12.67 -19.29
CA LYS B 148 20.77 13.57 -20.05
C LYS B 148 19.99 14.47 -19.10
N LEU B 149 19.52 13.93 -17.96
CA LEU B 149 18.80 14.73 -16.99
C LEU B 149 19.70 15.83 -16.40
N ALA B 150 21.00 15.51 -16.20
CA ALA B 150 21.93 16.50 -15.67
C ALA B 150 22.21 17.61 -16.68
N GLU B 151 22.22 17.29 -17.98
CA GLU B 151 22.36 18.33 -19.02
C GLU B 151 21.20 19.29 -19.01
N ASP B 152 19.98 18.77 -18.93
CA ASP B 152 18.76 19.60 -18.98
C ASP B 152 17.63 18.71 -18.48
N PHE B 153 17.05 19.00 -17.32
CA PHE B 153 16.14 18.00 -16.76
C PHE B 153 14.96 17.76 -17.68
N ASP B 154 14.38 18.82 -18.24
CA ASP B 154 13.14 18.62 -18.99
C ASP B 154 13.41 17.89 -20.31
N LYS B 155 14.54 18.17 -20.96
CA LYS B 155 14.86 17.40 -22.16
C LYS B 155 15.20 15.96 -21.81
N GLY B 156 15.95 15.78 -20.72
CA GLY B 156 16.28 14.42 -20.28
C GLY B 156 15.01 13.65 -19.97
N PHE B 157 14.06 14.32 -19.33
CA PHE B 157 12.80 13.65 -18.99
C PHE B 157 12.05 13.24 -20.26
N ASP B 158 11.95 14.16 -21.23
CA ASP B 158 11.24 13.79 -22.46
C ASP B 158 11.86 12.59 -23.17
N GLU B 159 13.18 12.48 -23.12
CA GLU B 159 13.87 11.33 -23.71
C GLU B 159 13.59 10.05 -22.91
N LEU B 160 13.65 10.16 -21.57
CA LEU B 160 13.29 9.05 -20.70
C LEU B 160 11.84 8.55 -20.92
N MET B 161 10.92 9.46 -21.28
CA MET B 161 9.55 9.03 -21.53
C MET B 161 9.44 8.04 -22.67
N LEU B 162 10.45 7.96 -23.55
CA LEU B 162 10.36 6.96 -24.61
C LEU B 162 10.55 5.53 -24.11
N VAL B 163 10.91 5.31 -22.83
CA VAL B 163 10.92 3.97 -22.24
C VAL B 163 10.05 3.89 -21.00
N ASP B 164 9.15 4.84 -20.84
CA ASP B 164 8.34 4.89 -19.61
C ASP B 164 7.32 3.75 -19.52
N ASP B 165 7.03 3.06 -20.60
CA ASP B 165 6.10 1.93 -20.52
C ASP B 165 6.63 0.80 -19.64
N MET B 166 7.95 0.78 -19.36
CA MET B 166 8.52 -0.34 -18.62
C MET B 166 8.63 -0.06 -17.12
N THR B 167 8.40 -1.10 -16.32
CA THR B 167 8.91 -1.00 -14.93
C THR B 167 10.42 -1.19 -14.86
N THR B 168 11.02 -0.87 -13.70
CA THR B 168 12.45 -1.12 -13.54
C THR B 168 12.76 -2.60 -13.74
N ARG B 169 11.96 -3.48 -13.10
CA ARG B 169 12.15 -4.92 -13.31
C ARG B 169 12.07 -5.31 -14.79
N GLU B 170 11.08 -4.77 -15.51
CA GLU B 170 10.94 -5.11 -16.93
C GLU B 170 12.17 -4.67 -17.71
N TYR B 171 12.67 -3.46 -17.43
CA TYR B 171 13.83 -2.97 -18.15
C TYR B 171 15.02 -3.88 -17.90
N LEU B 172 15.21 -4.25 -16.62
CA LEU B 172 16.34 -5.12 -16.29
C LEU B 172 16.19 -6.53 -16.84
N LYS B 173 14.97 -7.02 -16.89
CA LYS B 173 14.71 -8.37 -17.34
C LYS B 173 14.92 -8.50 -18.85
N ARG B 174 14.45 -7.49 -19.59
N ARG B 174 14.44 -7.51 -19.60
CA ARG B 174 14.46 -7.60 -21.06
CA ARG B 174 14.44 -7.61 -21.07
C ARG B 174 15.69 -7.01 -21.70
C ARG B 174 15.67 -6.98 -21.71
N GLY B 175 16.55 -6.34 -20.92
CA GLY B 175 17.70 -5.68 -21.46
C GLY B 175 17.33 -4.39 -22.18
N GLY B 176 16.46 -3.62 -21.58
CA GLY B 176 16.07 -2.37 -22.18
C GLY B 176 15.04 -2.56 -23.28
N PRO B 177 14.75 -1.47 -23.99
CA PRO B 177 13.63 -1.50 -24.92
C PRO B 177 13.89 -2.33 -26.17
N LYS B 178 15.14 -2.65 -26.53
CA LYS B 178 15.28 -3.57 -27.67
C LYS B 178 16.18 -4.75 -27.37
N GLY B 179 16.37 -5.07 -26.09
CA GLY B 179 17.12 -6.26 -25.72
C GLY B 179 18.60 -6.14 -25.88
N GLU B 180 19.14 -4.94 -26.11
CA GLU B 180 20.57 -4.79 -26.31
C GLU B 180 21.32 -4.46 -25.05
N ALA B 181 20.63 -4.20 -23.94
CA ALA B 181 21.32 -4.06 -22.67
C ALA B 181 21.36 -5.42 -21.98
N PRO B 182 22.14 -5.53 -20.90
CA PRO B 182 22.21 -6.81 -20.18
C PRO B 182 20.84 -7.25 -19.67
N LYS B 183 20.60 -8.57 -19.70
CA LYS B 183 19.36 -9.15 -19.24
C LYS B 183 19.65 -9.82 -17.90
N TYR B 184 18.79 -9.56 -16.92
CA TYR B 184 19.01 -10.06 -15.55
C TYR B 184 17.88 -10.98 -15.11
N ASP B 185 18.23 -12.06 -14.38
CA ASP B 185 17.22 -13.01 -13.91
C ASP B 185 16.52 -12.46 -12.68
N PHE B 186 15.47 -13.14 -12.28
CA PHE B 186 14.62 -12.59 -11.23
C PHE B 186 15.42 -12.26 -9.97
N PHE B 187 16.33 -13.17 -9.55
CA PHE B 187 17.02 -12.98 -8.28
C PHE B 187 18.02 -11.86 -8.37
N ALA B 188 18.67 -11.71 -9.52
CA ALA B 188 19.57 -10.55 -9.68
C ALA B 188 18.78 -9.26 -9.51
N ILE B 189 17.63 -9.17 -10.19
CA ILE B 189 16.83 -7.94 -10.06
C ILE B 189 16.40 -7.74 -8.61
N GLN B 190 15.98 -8.83 -7.96
CA GLN B 190 15.52 -8.77 -6.58
C GLN B 190 16.61 -8.22 -5.67
N TRP B 191 17.86 -8.66 -5.88
CA TRP B 191 18.97 -8.14 -5.08
C TRP B 191 19.25 -6.67 -5.38
N MET B 192 19.20 -6.28 -6.66
CA MET B 192 19.33 -4.85 -6.99
C MET B 192 18.29 -4.01 -6.27
N GLU B 193 17.03 -4.46 -6.26
CA GLU B 193 16.02 -3.71 -5.56
C GLU B 193 16.33 -3.67 -4.07
N THR B 194 16.71 -4.82 -3.49
CA THR B 194 17.01 -4.84 -2.07
C THR B 194 18.10 -3.86 -1.71
N GLN B 195 19.08 -3.69 -2.60
CA GLN B 195 20.23 -2.81 -2.36
C GLN B 195 20.04 -1.41 -2.91
N ASN B 196 18.87 -1.10 -3.50
CA ASN B 196 18.74 0.24 -4.06
C ASN B 196 17.53 1.00 -3.52
N THR B 197 16.49 0.30 -3.07
CA THR B 197 15.21 0.98 -2.77
C THR B 197 14.38 0.11 -1.82
N GLY B 198 13.10 0.46 -1.68
CA GLY B 198 12.24 -0.25 -0.75
C GLY B 198 11.59 -1.47 -1.42
N THR B 199 11.03 -2.34 -0.58
CA THR B 199 10.52 -3.60 -1.06
C THR B 199 9.45 -3.39 -2.13
N ASN B 200 9.62 -4.10 -3.26
CA ASN B 200 8.72 -4.11 -4.41
C ASN B 200 8.80 -2.88 -5.34
N LEU B 201 9.61 -1.85 -5.08
CA LEU B 201 9.47 -0.63 -5.87
C LEU B 201 10.05 -0.79 -7.27
N PHE B 202 10.78 -1.88 -7.56
CA PHE B 202 11.19 -2.08 -8.95
C PHE B 202 10.02 -2.55 -9.82
N ASP B 203 8.84 -2.77 -9.20
CA ASP B 203 7.67 -3.06 -10.01
C ASP B 203 6.87 -1.81 -10.29
N GLN B 204 7.40 -0.62 -9.90
CA GLN B 204 6.85 0.66 -10.36
C GLN B 204 7.67 1.13 -11.56
N ALA B 205 7.43 2.38 -12.00
CA ALA B 205 8.08 2.88 -13.25
C ALA B 205 9.61 2.85 -13.20
N PHE B 206 10.22 2.34 -14.29
CA PHE B 206 11.65 2.56 -14.54
C PHE B 206 12.00 4.06 -14.43
N SER B 207 11.14 4.93 -14.96
CA SER B 207 11.52 6.33 -14.97
C SER B 207 11.62 6.89 -13.56
N GLU B 208 10.79 6.39 -12.63
CA GLU B 208 10.91 6.90 -11.25
C GLU B 208 12.18 6.37 -10.59
N SER B 209 12.58 5.11 -10.90
CA SER B 209 13.85 4.60 -10.40
C SER B 209 15.02 5.42 -10.97
N VAL B 210 14.93 5.85 -12.24
CA VAL B 210 16.00 6.67 -12.81
C VAL B 210 16.08 8.02 -12.08
N ILE B 211 14.93 8.68 -11.91
CA ILE B 211 14.91 9.98 -11.26
C ILE B 211 15.35 9.87 -9.79
N ASP B 212 14.93 8.81 -9.09
CA ASP B 212 15.44 8.64 -7.72
C ASP B 212 16.95 8.52 -7.71
N SER B 213 17.50 7.74 -8.65
CA SER B 213 18.94 7.58 -8.70
C SER B 213 19.61 8.90 -9.06
N PHE B 214 18.99 9.66 -9.96
CA PHE B 214 19.50 10.99 -10.31
C PHE B 214 19.56 11.89 -9.08
N ASP B 215 18.54 11.82 -8.20
CA ASP B 215 18.54 12.69 -7.03
C ASP B 215 19.45 12.20 -5.89
N PHE B 216 19.59 10.89 -5.71
CA PHE B 216 20.36 10.36 -4.61
C PHE B 216 21.82 10.12 -4.97
N ASP B 217 22.12 9.98 -6.24
CA ASP B 217 23.48 9.68 -6.73
C ASP B 217 23.74 10.53 -7.98
N ASN B 218 23.56 11.81 -7.80
CA ASN B 218 23.63 12.75 -8.92
C ASN B 218 25.05 12.82 -9.45
N PRO B 219 25.21 12.94 -10.75
CA PRO B 219 26.56 13.06 -11.34
C PRO B 219 27.39 14.20 -10.77
N THR B 220 26.77 15.27 -10.26
CA THR B 220 27.51 16.42 -9.73
C THR B 220 28.08 16.17 -8.34
N LYS B 221 27.77 15.03 -7.72
CA LYS B 221 28.26 14.72 -6.37
C LYS B 221 28.00 15.91 -5.44
N PRO B 222 26.74 16.23 -5.21
CA PRO B 222 26.38 17.47 -4.52
C PRO B 222 26.57 17.39 -3.01
N GLU B 223 26.66 18.58 -2.42
CA GLU B 223 26.45 18.77 -0.99
C GLU B 223 24.95 18.65 -0.70
N TRP B 224 24.62 18.04 0.45
CA TRP B 224 23.25 18.03 0.96
C TRP B 224 23.10 18.97 2.15
N TYR B 225 21.87 19.49 2.33
CA TYR B 225 21.56 20.40 3.43
C TYR B 225 20.31 19.92 4.14
N CYS B 226 20.19 20.34 5.42
CA CYS B 226 18.95 20.24 6.16
C CYS B 226 18.72 21.55 6.91
N ILE B 227 17.53 21.76 7.47
CA ILE B 227 17.20 23.02 8.13
C ILE B 227 17.37 22.82 9.63
N GLU B 228 18.32 23.53 10.24
CA GLU B 228 18.56 23.28 11.67
C GLU B 228 17.41 23.90 12.45
N GLY B 229 16.74 23.06 13.24
CA GLY B 229 15.48 23.42 13.88
C GLY B 229 14.27 22.78 13.23
N GLY B 230 14.45 22.09 12.14
CA GLY B 230 13.36 21.36 11.49
C GLY B 230 12.82 22.11 10.28
N THR B 231 12.34 21.33 9.31
CA THR B 231 11.73 21.91 8.10
C THR B 231 10.53 22.79 8.39
N SER B 232 9.82 22.58 9.51
CA SER B 232 8.66 23.43 9.82
C SER B 232 9.05 24.89 10.03
N LEU B 233 10.35 25.21 10.24
CA LEU B 233 10.74 26.63 10.29
C LEU B 233 10.39 27.31 8.96
N LEU B 234 10.44 26.56 7.87
CA LEU B 234 10.09 27.13 6.58
C LEU B 234 8.60 27.45 6.51
N VAL B 235 7.76 26.52 6.99
CA VAL B 235 6.31 26.79 7.06
C VAL B 235 6.04 28.05 7.87
N ASP B 236 6.68 28.16 9.03
CA ASP B 236 6.50 29.34 9.87
C ASP B 236 6.81 30.61 9.10
N ALA B 237 7.93 30.61 8.40
CA ALA B 237 8.39 31.81 7.67
C ALA B 237 7.42 32.17 6.54
N MET B 238 6.96 31.15 5.81
CA MET B 238 6.02 31.38 4.72
C MET B 238 4.68 31.89 5.26
N LYS B 239 4.24 31.36 6.41
CA LYS B 239 3.00 31.83 7.05
C LYS B 239 3.10 33.28 7.45
N GLU B 240 4.26 33.70 7.96
CA GLU B 240 4.28 35.04 8.54
C GLU B 240 4.16 36.11 7.49
N THR B 241 4.59 35.84 6.24
CA THR B 241 4.44 36.84 5.21
C THR B 241 3.04 36.90 4.61
N LEU B 242 2.16 35.92 4.88
CA LEU B 242 0.88 35.88 4.17
C LEU B 242 0.08 37.15 4.41
N VAL B 243 -0.38 37.77 3.30
CA VAL B 243 -1.35 38.88 3.39
C VAL B 243 -2.70 38.41 3.90
N HIS B 244 -3.19 37.25 3.40
N HIS B 244 -3.17 37.25 3.41
CA HIS B 244 -4.40 36.62 3.91
CA HIS B 244 -4.39 36.62 3.89
C HIS B 244 -3.97 35.32 4.59
C HIS B 244 -3.99 35.32 4.57
N LYS B 245 -4.29 35.18 5.86
CA LYS B 245 -3.80 34.04 6.61
C LYS B 245 -4.58 32.78 6.25
N VAL B 246 -3.95 31.63 6.52
CA VAL B 246 -4.60 30.34 6.29
C VAL B 246 -5.87 30.21 7.12
N GLN B 247 -6.93 29.68 6.51
CA GLN B 247 -8.15 29.33 7.23
C GLN B 247 -8.12 27.82 7.46
N ASN B 248 -7.74 27.41 8.69
CA ASN B 248 -7.60 26.00 9.02
C ASN B 248 -8.98 25.36 9.36
N ASN B 249 -9.02 24.02 9.37
CA ASN B 249 -10.28 23.30 9.66
C ASN B 249 -11.36 23.61 8.63
N LYS B 250 -10.93 23.77 7.38
CA LYS B 250 -11.80 24.08 6.23
C LYS B 250 -11.48 23.05 5.16
N ARG B 251 -12.20 21.94 5.18
CA ARG B 251 -11.94 20.88 4.21
C ARG B 251 -12.90 21.05 3.04
N VAL B 252 -12.34 21.32 1.88
CA VAL B 252 -13.12 21.48 0.65
C VAL B 252 -13.67 20.11 0.24
N GLU B 253 -14.98 20.03 -0.07
CA GLU B 253 -15.58 18.73 -0.49
C GLU B 253 -16.12 18.74 -1.91
N ALA B 254 -16.13 19.89 -2.58
CA ALA B 254 -16.62 20.03 -3.95
C ALA B 254 -16.05 21.29 -4.56
N ILE B 255 -15.84 21.26 -5.87
CA ILE B 255 -15.36 22.42 -6.62
C ILE B 255 -16.18 22.52 -7.89
N SER B 256 -16.63 23.73 -8.24
CA SER B 256 -17.51 23.90 -9.38
C SER B 256 -17.20 25.17 -10.14
N ILE B 257 -17.68 25.19 -11.38
CA ILE B 257 -17.75 26.41 -12.18
C ILE B 257 -19.16 26.52 -12.75
N ASP B 258 -19.68 27.74 -12.82
CA ASP B 258 -21.00 27.99 -13.39
C ASP B 258 -20.78 28.56 -14.78
N LEU B 259 -20.76 27.68 -15.79
CA LEU B 259 -20.47 28.06 -17.16
C LEU B 259 -21.54 28.98 -17.75
N ASP B 260 -22.71 29.03 -17.13
CA ASP B 260 -23.78 29.92 -17.57
C ASP B 260 -23.62 31.34 -17.05
N ALA B 261 -22.64 31.58 -16.20
CA ALA B 261 -22.38 32.91 -15.66
C ALA B 261 -21.26 33.58 -16.44
N PRO B 262 -21.46 34.83 -16.86
CA PRO B 262 -20.45 35.51 -17.70
C PRO B 262 -19.26 36.03 -16.93
N ASP B 263 -19.36 36.11 -15.60
CA ASP B 263 -18.38 36.74 -14.74
C ASP B 263 -17.04 36.01 -14.71
N ASP B 264 -15.96 36.76 -14.46
CA ASP B 264 -14.69 36.12 -14.12
C ASP B 264 -14.84 35.21 -12.91
N GLY B 265 -15.53 35.68 -11.86
CA GLY B 265 -15.61 34.97 -10.58
C GLY B 265 -16.73 33.94 -10.55
N ASN B 266 -16.75 33.00 -11.49
CA ASN B 266 -17.88 32.06 -11.55
C ASN B 266 -17.54 30.66 -11.02
N MET B 267 -16.51 30.53 -10.17
CA MET B 267 -16.21 29.24 -9.52
C MET B 267 -16.55 29.29 -8.04
N SER B 268 -16.78 28.11 -7.46
CA SER B 268 -17.09 28.04 -6.05
C SER B 268 -16.50 26.76 -5.50
N VAL B 269 -16.38 26.71 -4.17
CA VAL B 269 -16.09 25.46 -3.48
C VAL B 269 -17.09 25.25 -2.35
N LYS B 270 -17.30 24.00 -1.97
CA LYS B 270 -18.18 23.67 -0.86
C LYS B 270 -17.34 23.18 0.31
N ILE B 271 -17.60 23.74 1.52
CA ILE B 271 -16.91 23.36 2.74
C ILE B 271 -17.99 23.17 3.78
N GLY B 272 -18.05 21.98 4.36
CA GLY B 272 -19.04 21.76 5.42
C GLY B 272 -20.46 22.02 4.94
N GLY B 273 -20.75 21.71 3.68
CA GLY B 273 -22.09 21.88 3.12
C GLY B 273 -22.44 23.28 2.67
N LYS B 274 -21.54 24.25 2.86
CA LYS B 274 -21.73 25.66 2.57
C LYS B 274 -20.92 26.06 1.34
N ASP B 275 -21.54 26.88 0.47
CA ASP B 275 -20.90 27.36 -0.75
C ASP B 275 -20.04 28.60 -0.48
N TYR B 276 -18.80 28.56 -0.99
CA TYR B 276 -17.92 29.71 -1.02
C TYR B 276 -17.71 30.05 -2.49
N SER B 277 -18.24 31.20 -2.92
N SER B 277 -18.25 31.20 -2.92
CA SER B 277 -18.30 31.46 -4.35
CA SER B 277 -18.32 31.46 -4.35
C SER B 277 -17.49 32.70 -4.69
C SER B 277 -17.51 32.72 -4.68
N GLY B 278 -17.55 33.07 -5.97
CA GLY B 278 -16.94 34.30 -6.45
C GLY B 278 -15.51 34.19 -6.91
N TYR B 279 -15.01 32.98 -7.20
CA TYR B 279 -13.60 32.78 -7.47
C TYR B 279 -13.32 32.80 -8.97
N SER B 280 -12.26 33.51 -9.37
CA SER B 280 -11.85 33.57 -10.78
C SER B 280 -10.95 32.40 -11.19
N THR B 281 -10.42 31.66 -10.22
CA THR B 281 -9.55 30.53 -10.48
C THR B 281 -9.45 29.76 -9.17
N VAL B 282 -9.35 28.42 -9.28
CA VAL B 282 -9.17 27.57 -8.10
C VAL B 282 -7.91 26.74 -8.30
N PHE B 283 -6.98 26.82 -7.34
CA PHE B 283 -5.74 26.06 -7.34
C PHE B 283 -5.93 24.96 -6.29
N ASN B 284 -6.06 23.73 -6.75
CA ASN B 284 -6.14 22.63 -5.79
C ASN B 284 -4.72 22.11 -5.54
N THR B 285 -4.30 22.08 -4.29
CA THR B 285 -2.90 21.68 -4.02
C THR B 285 -2.81 20.41 -3.20
N THR B 286 -3.93 19.70 -3.03
CA THR B 286 -3.96 18.51 -2.18
C THR B 286 -3.33 17.32 -2.89
N ALA B 287 -2.96 16.31 -2.09
CA ALA B 287 -2.66 15.01 -2.73
C ALA B 287 -3.86 14.54 -3.53
N LEU B 288 -3.59 13.66 -4.49
CA LEU B 288 -4.67 13.35 -5.44
C LEU B 288 -5.76 12.49 -4.79
N GLY B 289 -5.43 11.68 -3.77
CA GLY B 289 -6.50 10.92 -3.11
C GLY B 289 -7.53 11.82 -2.47
N CYS B 290 -7.09 12.95 -1.93
CA CYS B 290 -8.00 13.90 -1.33
C CYS B 290 -8.84 14.59 -2.39
N LEU B 291 -8.23 14.84 -3.54
CA LEU B 291 -8.95 15.46 -4.65
C LEU B 291 -10.00 14.53 -5.19
N ASP B 292 -9.69 13.22 -5.28
CA ASP B 292 -10.63 12.29 -5.88
C ASP B 292 -11.91 12.22 -5.06
N ARG B 293 -11.81 12.40 -3.73
CA ARG B 293 -12.95 12.29 -2.80
C ARG B 293 -13.90 13.47 -2.94
N MET B 294 -13.43 14.56 -3.55
CA MET B 294 -14.33 15.68 -3.73
C MET B 294 -15.34 15.41 -4.84
N ASP B 295 -16.48 16.09 -4.78
CA ASP B 295 -17.43 16.04 -5.89
C ASP B 295 -16.99 17.08 -6.91
N LEU B 296 -16.45 16.61 -8.03
CA LEU B 296 -15.90 17.51 -9.04
C LEU B 296 -16.76 17.57 -10.27
N ARG B 297 -17.99 17.10 -10.19
CA ARG B 297 -18.85 17.10 -11.37
C ARG B 297 -19.00 18.49 -11.94
N GLY B 298 -19.04 19.50 -11.06
CA GLY B 298 -19.18 20.89 -11.46
C GLY B 298 -18.05 21.39 -12.33
N LEU B 299 -16.96 20.62 -12.48
CA LEU B 299 -15.85 21.09 -13.30
C LEU B 299 -15.80 20.43 -14.66
N ASN B 300 -16.60 19.36 -14.89
CA ASN B 300 -16.65 18.66 -16.19
C ASN B 300 -15.27 18.23 -16.67
N LEU B 301 -14.53 17.55 -15.79
CA LEU B 301 -13.15 17.19 -16.14
C LEU B 301 -13.13 16.12 -17.23
N HIS B 302 -12.13 16.21 -18.10
CA HIS B 302 -11.89 15.16 -19.10
C HIS B 302 -11.83 13.81 -18.38
N PRO B 303 -12.42 12.74 -18.93
CA PRO B 303 -12.45 11.47 -18.19
C PRO B 303 -11.07 10.92 -17.88
N THR B 304 -10.09 11.15 -18.79
CA THR B 304 -8.75 10.64 -18.52
C THR B 304 -8.05 11.46 -17.45
N GLN B 305 -8.38 12.75 -17.34
CA GLN B 305 -7.88 13.52 -16.21
C GLN B 305 -8.44 12.97 -14.89
N ALA B 306 -9.72 12.62 -14.89
CA ALA B 306 -10.29 12.03 -13.69
C ALA B 306 -9.63 10.67 -13.41
N ASP B 307 -9.30 9.92 -14.48
CA ASP B 307 -8.62 8.65 -14.27
C ASP B 307 -7.29 8.88 -13.62
N ALA B 308 -6.58 9.93 -14.04
CA ALA B 308 -5.25 10.17 -13.46
C ALA B 308 -5.39 10.48 -11.97
N ILE B 309 -6.41 11.26 -11.59
CA ILE B 309 -6.60 11.58 -10.18
C ILE B 309 -6.77 10.30 -9.39
N ARG B 310 -7.60 9.36 -9.91
CA ARG B 310 -7.87 8.13 -9.17
C ARG B 310 -6.66 7.21 -9.18
N CYS B 311 -5.95 7.13 -10.32
CA CYS B 311 -5.09 5.97 -10.58
C CYS B 311 -3.61 6.23 -10.41
N LEU B 312 -3.12 7.47 -10.58
CA LEU B 312 -1.70 7.69 -10.43
C LEU B 312 -1.23 7.12 -9.10
N HIS B 313 -0.14 6.37 -9.14
CA HIS B 313 0.26 5.63 -7.94
C HIS B 313 1.04 6.48 -6.94
N TYR B 314 0.70 6.24 -5.66
CA TYR B 314 1.39 6.80 -4.51
C TYR B 314 2.14 5.71 -3.73
N ASP B 315 3.35 6.05 -3.32
CA ASP B 315 4.11 5.23 -2.38
C ASP B 315 3.63 5.49 -0.98
N ASN B 316 3.98 4.59 -0.06
CA ASN B 316 3.76 4.77 1.40
C ASN B 316 5.07 5.14 2.05
N SER B 317 5.00 5.76 3.23
CA SER B 317 6.23 5.94 3.99
C SER B 317 5.90 6.07 5.45
N THR B 318 6.77 5.48 6.28
CA THR B 318 6.63 5.53 7.73
C THR B 318 7.95 5.91 8.36
N LYS B 319 7.85 6.75 9.41
CA LYS B 319 9.01 7.12 10.22
C LYS B 319 8.78 6.76 11.68
N VAL B 320 9.88 6.39 12.33
CA VAL B 320 9.85 6.09 13.77
C VAL B 320 11.09 6.71 14.40
N ALA B 321 10.90 7.58 15.39
CA ALA B 321 12.01 8.28 15.99
C ALA B 321 12.02 8.04 17.49
N LEU B 322 13.17 7.74 18.05
CA LEU B 322 13.25 7.44 19.48
C LEU B 322 14.19 8.42 20.15
N LYS B 323 13.91 8.77 21.40
CA LYS B 323 14.86 9.54 22.21
C LYS B 323 15.72 8.63 23.09
N PHE B 324 17.01 8.98 23.19
CA PHE B 324 17.96 8.29 24.03
C PHE B 324 18.62 9.29 25.00
N SER B 325 19.06 8.78 26.16
CA SER B 325 19.65 9.63 27.19
C SER B 325 21.02 10.17 26.81
N TYR B 326 21.69 9.55 25.85
CA TYR B 326 22.90 10.07 25.21
C TYR B 326 22.98 9.45 23.82
N PRO B 327 23.69 10.10 22.92
CA PRO B 327 23.77 9.56 21.52
C PRO B 327 24.74 8.39 21.43
N TRP B 328 24.29 7.19 21.88
CA TRP B 328 25.14 6.03 21.93
C TRP B 328 25.72 5.68 20.56
N TRP B 329 25.00 5.99 19.48
CA TRP B 329 25.61 5.69 18.17
C TRP B 329 26.85 6.54 17.93
N ILE B 330 26.88 7.79 18.41
CA ILE B 330 28.08 8.59 18.25
C ILE B 330 29.15 8.08 19.21
N LYS B 331 28.75 7.90 20.45
CA LYS B 331 29.76 7.75 21.51
C LYS B 331 30.34 6.35 21.52
N ASP B 332 29.49 5.35 21.30
CA ASP B 332 29.88 3.96 21.44
C ASP B 332 30.15 3.28 20.11
N CYS B 333 29.58 3.78 19.01
CA CYS B 333 29.68 3.09 17.74
C CYS B 333 30.54 3.84 16.75
N GLY B 334 31.04 5.03 17.11
CA GLY B 334 31.83 5.86 16.21
C GLY B 334 31.08 6.44 15.04
N ILE B 335 29.75 6.50 15.12
CA ILE B 335 28.95 7.01 13.98
C ILE B 335 28.80 8.50 14.22
N THR B 336 29.87 9.25 13.90
CA THR B 336 30.05 10.61 14.37
C THR B 336 29.58 11.67 13.40
N CYS B 337 29.25 11.34 12.14
CA CYS B 337 28.77 12.41 11.23
C CYS B 337 27.64 11.90 10.33
N GLY B 338 26.52 11.55 10.96
CA GLY B 338 25.27 11.25 10.21
C GLY B 338 25.41 10.03 9.32
N GLY B 339 24.80 10.08 8.13
CA GLY B 339 24.73 8.89 7.28
C GLY B 339 23.52 8.08 7.66
N ALA B 340 23.51 6.82 7.24
CA ALA B 340 22.38 5.94 7.50
C ALA B 340 22.83 4.50 7.40
N ALA B 341 22.18 3.66 8.19
CA ALA B 341 22.43 2.24 8.23
C ALA B 341 21.29 1.57 7.50
N SER B 342 21.60 0.67 6.57
CA SER B 342 20.58 -0.03 5.77
C SER B 342 20.60 -1.51 6.11
N THR B 343 19.44 -2.17 6.05
CA THR B 343 19.35 -3.55 6.50
C THR B 343 18.10 -4.18 5.86
N ASP B 344 18.07 -5.52 5.82
CA ASP B 344 16.84 -6.23 5.45
C ASP B 344 15.93 -6.44 6.64
N LEU B 345 16.41 -6.07 7.87
CA LEU B 345 15.53 -6.13 9.04
C LEU B 345 14.36 -5.17 8.85
N PRO B 346 13.25 -5.40 9.57
CA PRO B 346 12.04 -4.56 9.38
C PRO B 346 12.27 -3.08 9.39
N LEU B 347 13.21 -2.56 10.21
CA LEU B 347 13.30 -1.11 10.20
C LEU B 347 13.85 -0.55 8.90
N ARG B 348 14.50 -1.39 8.09
CA ARG B 348 15.09 -1.06 6.77
C ARG B 348 16.21 -0.02 6.76
N THR B 349 15.94 1.22 7.23
CA THR B 349 16.94 2.30 7.18
C THR B 349 16.89 3.03 8.50
N CYS B 350 18.04 3.15 9.18
CA CYS B 350 18.20 3.91 10.42
C CYS B 350 19.03 5.14 10.08
N VAL B 351 18.45 6.33 10.24
CA VAL B 351 19.08 7.59 9.79
C VAL B 351 19.66 8.31 11.00
N TYR B 352 20.98 8.55 10.97
CA TYR B 352 21.61 9.22 12.09
C TYR B 352 21.49 10.72 11.87
N PRO B 353 20.88 11.49 12.79
CA PRO B 353 20.65 12.92 12.49
C PRO B 353 21.95 13.69 12.23
N SER B 354 21.86 14.69 11.36
CA SER B 354 23.01 15.57 11.07
C SER B 354 22.98 16.82 11.92
N TYR B 355 21.95 17.00 12.75
CA TYR B 355 21.75 18.24 13.47
C TYR B 355 22.08 18.15 14.95
N ASN B 356 22.52 16.99 15.45
CA ASN B 356 22.82 16.84 16.87
C ASN B 356 24.22 16.25 17.09
N LEU B 357 25.14 16.45 16.12
CA LEU B 357 26.40 15.74 16.13
C LEU B 357 27.29 16.13 17.32
N GLY B 358 27.14 17.33 17.85
CA GLY B 358 27.97 17.75 18.97
C GLY B 358 27.28 17.68 20.31
N ASP B 359 26.08 17.10 20.36
CA ASP B 359 25.33 17.00 21.62
C ASP B 359 25.79 15.80 22.43
N THR B 360 25.78 15.94 23.76
CA THR B 360 26.20 14.83 24.59
C THR B 360 25.11 14.40 25.58
N GLY B 361 23.99 15.11 25.62
CA GLY B 361 22.84 14.76 26.43
C GLY B 361 21.81 13.99 25.63
N GLU B 362 20.53 14.21 25.94
CA GLU B 362 19.46 13.54 25.20
C GLU B 362 19.64 13.76 23.70
N ALA B 363 19.29 12.73 22.90
CA ALA B 363 19.42 12.87 21.47
C ALA B 363 18.34 12.02 20.81
N VAL B 364 17.87 12.51 19.66
CA VAL B 364 16.90 11.79 18.81
C VAL B 364 17.64 10.92 17.80
N LEU B 365 17.09 9.74 17.54
CA LEU B 365 17.52 8.90 16.44
C LEU B 365 16.32 8.64 15.56
N LEU B 366 16.50 8.80 14.24
CA LEU B 366 15.44 8.44 13.29
C LEU B 366 15.63 6.95 12.99
N ALA B 367 15.13 6.13 13.90
CA ALA B 367 15.53 4.72 13.93
C ALA B 367 14.94 3.92 12.77
N SER B 368 13.81 4.35 12.20
CA SER B 368 13.31 3.63 11.03
C SER B 368 12.69 4.60 10.05
N TYR B 369 13.13 4.52 8.79
CA TYR B 369 12.52 5.28 7.70
C TYR B 369 12.24 4.27 6.57
N THR B 370 10.98 4.05 6.25
CA THR B 370 10.64 2.97 5.30
C THR B 370 9.75 3.52 4.18
N TRP B 371 9.73 2.80 3.07
CA TRP B 371 8.85 3.09 1.94
C TRP B 371 8.05 1.82 1.61
N SER B 372 7.00 1.97 0.78
CA SER B 372 6.35 0.85 0.11
C SER B 372 5.84 -0.19 1.12
N GLN B 373 5.88 -1.49 0.79
CA GLN B 373 5.36 -2.50 1.74
C GLN B 373 6.07 -2.47 3.09
N ASP B 374 7.34 -2.07 3.11
CA ASP B 374 8.01 -2.00 4.41
C ASP B 374 7.32 -0.97 5.28
N ALA B 375 6.94 0.16 4.67
CA ALA B 375 6.24 1.20 5.42
C ALA B 375 4.84 0.76 5.84
N THR B 376 4.13 -0.01 4.99
CA THR B 376 2.82 -0.50 5.40
C THR B 376 2.95 -1.44 6.59
N ARG B 377 3.96 -2.29 6.55
CA ARG B 377 4.15 -3.22 7.68
C ARG B 377 4.51 -2.47 8.96
N ILE B 378 5.46 -1.52 8.91
CA ILE B 378 5.73 -0.81 10.17
C ILE B 378 4.51 0.05 10.59
N GLY B 379 3.88 0.68 9.58
CA GLY B 379 2.70 1.47 9.82
C GLY B 379 1.55 0.71 10.47
N SER B 380 1.47 -0.59 10.30
CA SER B 380 0.40 -1.33 10.99
C SER B 380 0.56 -1.35 12.50
N LEU B 381 1.76 -1.01 12.98
CA LEU B 381 2.04 -0.93 14.40
C LEU B 381 1.97 0.50 14.95
N VAL B 382 1.67 1.51 14.10
CA VAL B 382 1.66 2.92 14.49
C VAL B 382 0.23 3.30 14.82
N LYS B 383 0.00 3.65 16.07
CA LYS B 383 -1.35 3.98 16.51
C LYS B 383 -1.46 5.44 16.92
N ASP B 384 -2.60 6.05 16.55
CA ASP B 384 -2.97 7.43 16.89
C ASP B 384 -2.84 7.70 18.37
N ALA B 385 -3.30 6.73 19.17
CA ALA B 385 -3.19 6.75 20.63
C ALA B 385 -2.23 5.62 20.97
N PRO B 386 -0.95 5.92 21.14
CA PRO B 386 0.03 4.84 21.28
C PRO B 386 -0.20 4.08 22.56
N PRO B 387 0.18 2.78 22.61
CA PRO B 387 -0.15 1.96 23.79
C PRO B 387 0.59 2.37 25.04
N GLU B 392 2.95 -3.62 26.65
CA GLU B 392 4.18 -3.65 25.85
C GLU B 392 3.88 -3.09 24.48
N ASP B 393 4.71 -2.14 24.04
CA ASP B 393 4.48 -1.48 22.75
C ASP B 393 5.25 -2.30 21.73
N GLU B 394 4.54 -3.04 20.88
CA GLU B 394 5.22 -3.94 19.96
C GLU B 394 6.19 -3.18 19.05
N LEU B 395 5.79 -1.99 18.58
CA LEU B 395 6.66 -1.25 17.67
C LEU B 395 7.97 -0.86 18.36
N VAL B 396 7.88 -0.32 19.58
CA VAL B 396 9.09 0.02 20.34
C VAL B 396 10.00 -1.18 20.51
N GLU B 397 9.43 -2.31 20.89
CA GLU B 397 10.27 -3.47 21.11
C GLU B 397 10.90 -3.95 19.81
N LEU B 398 10.16 -3.89 18.67
CA LEU B 398 10.73 -4.29 17.40
C LEU B 398 11.91 -3.40 17.04
N ILE B 399 11.75 -2.08 17.22
CA ILE B 399 12.79 -1.15 16.83
C ILE B 399 14.02 -1.35 17.71
N LEU B 400 13.82 -1.53 19.04
CA LEU B 400 14.96 -1.76 19.95
C LEU B 400 15.68 -3.06 19.57
N GLN B 401 14.94 -4.13 19.25
CA GLN B 401 15.57 -5.39 18.86
C GLN B 401 16.28 -5.24 17.52
N ASN B 402 15.68 -4.55 16.55
CA ASN B 402 16.37 -4.37 15.26
C ASN B 402 17.62 -3.49 15.44
N LEU B 403 17.50 -2.44 16.28
CA LEU B 403 18.65 -1.57 16.51
C LEU B 403 19.78 -2.35 17.13
N ALA B 404 19.47 -3.24 18.04
CA ALA B 404 20.53 -4.03 18.67
C ALA B 404 21.22 -4.92 17.65
N ARG B 405 20.46 -5.56 16.77
CA ARG B 405 21.09 -6.42 15.77
C ARG B 405 21.90 -5.60 14.78
N LEU B 406 21.43 -4.39 14.42
CA LEU B 406 22.14 -3.60 13.42
C LEU B 406 23.40 -2.98 14.01
N HIS B 407 23.44 -2.81 15.33
CA HIS B 407 24.60 -2.19 15.98
C HIS B 407 25.34 -3.20 16.86
N ALA B 408 25.17 -4.49 16.57
CA ALA B 408 25.77 -5.54 17.39
C ALA B 408 27.30 -5.52 17.39
N GLU B 409 27.93 -4.80 16.47
CA GLU B 409 29.40 -4.71 16.54
C GLU B 409 29.88 -3.96 17.80
N HIS B 410 29.02 -3.15 18.41
CA HIS B 410 29.39 -2.35 19.56
C HIS B 410 28.38 -2.32 20.67
N MET B 411 27.10 -2.60 20.42
CA MET B 411 26.07 -2.45 21.46
C MET B 411 25.39 -3.76 21.80
N THR B 412 24.73 -3.77 22.92
CA THR B 412 23.81 -4.85 23.24
C THR B 412 22.40 -4.30 23.25
N TYR B 413 21.44 -5.22 23.14
CA TYR B 413 20.04 -4.87 23.33
C TYR B 413 19.83 -4.19 24.68
N GLU B 414 20.48 -4.73 25.72
N GLU B 414 20.46 -4.73 25.74
CA GLU B 414 20.24 -4.25 27.07
CA GLU B 414 20.14 -4.20 27.05
C GLU B 414 20.70 -2.80 27.20
C GLU B 414 20.70 -2.78 27.23
N LYS B 415 21.83 -2.47 26.59
CA LYS B 415 22.37 -1.12 26.71
C LYS B 415 21.57 -0.16 25.86
N ILE B 416 21.12 -0.58 24.67
CA ILE B 416 20.27 0.31 23.91
C ILE B 416 18.93 0.53 24.63
N LYS B 417 18.32 -0.54 25.15
CA LYS B 417 17.06 -0.38 25.88
C LYS B 417 17.23 0.51 27.10
N GLU B 418 18.34 0.33 27.82
CA GLU B 418 18.59 1.17 28.99
C GLU B 418 18.70 2.64 28.61
N ALA B 419 19.25 2.93 27.42
CA ALA B 419 19.47 4.33 27.06
C ALA B 419 18.21 4.99 26.54
N TYR B 420 17.31 4.17 26.01
CA TYR B 420 16.02 4.63 25.52
C TYR B 420 15.29 5.29 26.69
N THR B 421 14.76 6.48 26.46
CA THR B 421 14.08 7.21 27.53
C THR B 421 12.60 6.87 27.67
N GLY B 422 12.04 6.07 26.78
CA GLY B 422 10.60 5.81 26.79
C GLY B 422 9.76 6.81 26.00
N VAL B 423 10.41 7.76 25.30
CA VAL B 423 9.74 8.79 24.48
C VAL B 423 10.07 8.48 23.03
N TYR B 424 9.04 8.21 22.24
CA TYR B 424 9.22 8.05 20.80
C TYR B 424 8.01 8.60 20.08
N HIS B 425 8.12 8.68 18.76
CA HIS B 425 6.99 9.09 17.95
C HIS B 425 7.12 8.39 16.62
N ALA B 426 5.98 8.04 16.04
CA ALA B 426 5.99 7.39 14.75
C ALA B 426 4.85 7.94 13.91
N TYR B 427 4.96 7.76 12.59
CA TYR B 427 3.96 8.35 11.71
C TYR B 427 3.97 7.59 10.41
N CYS B 428 2.78 7.20 9.93
CA CYS B 428 2.62 6.49 8.65
C CYS B 428 1.75 7.37 7.75
N TRP B 429 2.33 7.84 6.63
CA TRP B 429 1.67 8.87 5.84
C TRP B 429 0.44 8.35 5.13
N ALA B 430 0.43 7.05 4.77
CA ALA B 430 -0.79 6.52 4.15
C ALA B 430 -1.95 6.55 5.12
N ASN B 431 -1.70 6.68 6.42
CA ASN B 431 -2.80 6.72 7.40
C ASN B 431 -3.20 8.17 7.75
N ASP B 432 -2.61 9.15 7.12
CA ASP B 432 -3.02 10.55 7.34
C ASP B 432 -4.19 10.89 6.43
N PRO B 433 -5.38 11.18 6.96
CA PRO B 433 -6.54 11.45 6.09
C PRO B 433 -6.33 12.65 5.20
N ASN B 434 -5.40 13.56 5.55
CA ASN B 434 -5.18 14.74 4.72
C ASN B 434 -4.15 14.51 3.61
N VAL B 435 -3.65 13.27 3.41
CA VAL B 435 -2.75 12.98 2.28
C VAL B 435 -3.10 11.63 1.67
N GLY B 436 -3.17 10.58 2.52
CA GLY B 436 -3.58 9.29 1.97
C GLY B 436 -2.46 8.55 1.23
N GLY B 437 -1.22 8.85 1.57
CA GLY B 437 -0.06 8.31 0.88
C GLY B 437 1.11 9.18 1.31
N ALA B 438 2.29 8.73 0.94
CA ALA B 438 3.45 9.59 1.18
C ALA B 438 3.64 10.61 0.06
N PHE B 439 3.64 10.14 -1.19
CA PHE B 439 3.97 10.98 -2.34
C PHE B 439 3.81 10.14 -3.59
N ALA B 440 3.63 10.83 -4.71
CA ALA B 440 3.56 10.14 -5.99
C ALA B 440 4.82 9.31 -6.24
N LEU B 441 4.59 8.11 -6.75
CA LEU B 441 5.65 7.28 -7.28
C LEU B 441 4.97 6.44 -8.35
N PHE B 442 5.07 6.90 -9.59
CA PHE B 442 4.16 6.42 -10.62
C PHE B 442 4.50 5.01 -11.05
N GLY B 443 3.43 4.29 -11.51
CA GLY B 443 3.57 2.96 -12.13
C GLY B 443 3.98 3.12 -13.58
N PRO B 444 4.26 1.99 -14.22
CA PRO B 444 4.68 2.01 -15.65
C PRO B 444 3.64 2.65 -16.51
N GLY B 445 4.12 3.46 -17.49
CA GLY B 445 3.23 4.14 -18.42
C GLY B 445 2.52 5.35 -17.86
N GLN B 446 2.56 5.58 -16.54
CA GLN B 446 1.70 6.65 -16.01
C GLN B 446 2.21 8.02 -16.40
N PHE B 447 3.52 8.26 -16.25
CA PHE B 447 4.08 9.56 -16.63
C PHE B 447 3.81 9.90 -18.08
N SER B 448 3.95 8.92 -18.97
CA SER B 448 3.81 9.25 -20.38
C SER B 448 2.37 9.25 -20.86
N ASN B 449 1.45 8.61 -20.14
CA ASN B 449 0.08 8.45 -20.62
C ASN B 449 -0.93 9.21 -19.78
N LEU B 450 -0.93 9.03 -18.44
CA LEU B 450 -1.92 9.68 -17.56
C LEU B 450 -1.51 11.09 -17.16
N TYR B 451 -0.24 11.29 -16.84
CA TYR B 451 0.22 12.58 -16.35
C TYR B 451 -0.15 13.72 -17.28
N PRO B 452 -0.03 13.60 -18.61
CA PRO B 452 -0.41 14.75 -19.46
C PRO B 452 -1.87 15.16 -19.29
N TYR B 453 -2.75 14.22 -19.01
CA TYR B 453 -4.15 14.53 -18.80
C TYR B 453 -4.38 15.10 -17.42
N LEU B 454 -3.59 14.66 -16.42
CA LEU B 454 -3.64 15.32 -15.11
C LEU B 454 -3.41 16.80 -15.28
N MET B 455 -2.46 17.17 -16.15
CA MET B 455 -2.01 18.53 -16.32
C MET B 455 -2.82 19.33 -17.36
N ARG B 456 -3.93 18.79 -17.87
CA ARG B 456 -4.72 19.38 -18.96
C ARG B 456 -5.56 20.56 -18.46
N PRO B 457 -5.71 21.60 -19.30
CA PRO B 457 -6.54 22.74 -18.88
C PRO B 457 -7.93 22.26 -18.55
N ALA B 458 -8.49 22.78 -17.47
CA ALA B 458 -9.83 22.40 -17.10
C ALA B 458 -10.62 23.63 -16.68
N ALA B 459 -11.94 23.49 -16.74
CA ALA B 459 -12.87 24.60 -16.42
C ALA B 459 -12.50 25.83 -17.22
N GLY B 460 -12.20 25.61 -18.50
CA GLY B 460 -11.84 26.70 -19.38
C GLY B 460 -10.58 27.44 -18.97
N GLY B 461 -9.57 26.72 -18.47
CA GLY B 461 -8.36 27.37 -18.02
C GLY B 461 -8.40 28.01 -16.65
N LYS B 462 -9.43 27.74 -15.83
CA LYS B 462 -9.59 28.31 -14.49
C LYS B 462 -9.35 27.33 -13.34
N PHE B 463 -9.06 26.04 -13.61
CA PHE B 463 -8.85 25.07 -12.53
C PHE B 463 -7.49 24.45 -12.73
N HIS B 464 -6.67 24.40 -11.65
CA HIS B 464 -5.33 23.83 -11.69
C HIS B 464 -5.18 22.73 -10.66
N ILE B 465 -4.67 21.58 -11.08
CA ILE B 465 -4.31 20.51 -10.14
C ILE B 465 -2.81 20.65 -9.85
N VAL B 466 -2.49 21.10 -8.63
CA VAL B 466 -1.16 21.56 -8.27
C VAL B 466 -0.58 20.69 -7.17
N GLY B 467 0.75 20.54 -7.17
CA GLY B 467 1.41 19.90 -6.06
C GLY B 467 2.51 19.00 -6.57
N GLU B 468 3.17 18.29 -5.62
CA GLU B 468 4.28 17.46 -6.05
C GLU B 468 3.87 16.43 -7.10
N ALA B 469 2.67 15.88 -7.02
CA ALA B 469 2.34 14.82 -7.98
C ALA B 469 2.19 15.41 -9.36
N SER B 470 1.78 16.68 -9.41
CA SER B 470 1.60 17.46 -10.63
C SER B 470 2.92 18.10 -11.04
N SER B 471 3.97 17.28 -11.07
CA SER B 471 5.29 17.73 -11.49
C SER B 471 6.10 16.50 -11.90
N VAL B 472 7.26 16.78 -12.49
CA VAL B 472 8.18 15.69 -12.83
C VAL B 472 9.17 15.40 -11.71
N HIS B 473 9.02 16.09 -10.56
CA HIS B 473 9.88 15.92 -9.39
C HIS B 473 9.08 15.41 -8.20
N HIS B 474 8.53 14.23 -8.34
CA HIS B 474 7.79 13.68 -7.22
C HIS B 474 8.63 13.54 -5.95
N ALA B 475 7.93 13.68 -4.82
CA ALA B 475 8.52 13.39 -3.52
C ALA B 475 9.59 14.36 -3.10
N TRP B 476 9.62 15.55 -3.72
CA TRP B 476 10.55 16.59 -3.30
C TRP B 476 9.82 17.92 -3.21
N ILE B 477 10.34 18.83 -2.37
CA ILE B 477 9.76 20.18 -2.36
C ILE B 477 9.84 20.81 -3.74
N ILE B 478 10.93 20.53 -4.49
CA ILE B 478 11.06 21.23 -5.80
C ILE B 478 9.85 20.95 -6.70
N GLY B 479 9.28 19.74 -6.64
CA GLY B 479 8.12 19.43 -7.49
C GLY B 479 6.91 20.29 -7.15
N SER B 480 6.67 20.48 -5.84
CA SER B 480 5.58 21.34 -5.40
C SER B 480 5.78 22.77 -5.85
N LEU B 481 7.02 23.28 -5.74
CA LEU B 481 7.25 24.68 -6.10
C LEU B 481 7.15 24.89 -7.61
N GLU B 482 7.65 23.94 -8.40
N GLU B 482 7.67 23.94 -8.40
CA GLU B 482 7.56 24.13 -9.85
CA GLU B 482 7.54 24.08 -9.85
C GLU B 482 6.11 24.03 -10.31
C GLU B 482 6.08 24.08 -10.26
N SER B 483 5.33 23.15 -9.68
CA SER B 483 3.92 23.00 -10.05
C SER B 483 3.15 24.28 -9.71
N ALA B 484 3.42 24.87 -8.55
CA ALA B 484 2.78 26.12 -8.13
C ALA B 484 3.16 27.27 -9.06
N TYR B 485 4.45 27.39 -9.42
CA TYR B 485 4.89 28.44 -10.34
C TYR B 485 4.16 28.33 -11.67
N THR B 486 4.10 27.11 -12.21
CA THR B 486 3.46 26.95 -13.51
C THR B 486 1.99 27.32 -13.46
N ALA B 487 1.28 26.92 -12.41
CA ALA B 487 -0.13 27.27 -12.29
C ALA B 487 -0.31 28.79 -12.24
N VAL B 488 0.52 29.50 -11.47
CA VAL B 488 0.39 30.95 -11.43
C VAL B 488 0.65 31.54 -12.81
N TYR B 489 1.68 31.05 -13.53
CA TYR B 489 1.86 31.48 -14.92
C TYR B 489 0.56 31.33 -15.71
N GLN B 490 -0.08 30.15 -15.61
CA GLN B 490 -1.27 29.90 -16.41
C GLN B 490 -2.41 30.83 -16.04
N PHE B 491 -2.59 31.10 -14.76
CA PHE B 491 -3.60 32.02 -14.27
C PHE B 491 -3.39 33.40 -14.84
N LEU B 492 -2.18 33.92 -14.74
CA LEU B 492 -1.94 35.28 -15.27
C LEU B 492 -2.17 35.33 -16.77
N TYR B 493 -1.74 34.27 -17.48
CA TYR B 493 -1.93 34.24 -18.95
C TYR B 493 -3.41 34.20 -19.28
N LYS B 494 -4.17 33.34 -18.58
CA LYS B 494 -5.60 33.22 -18.82
C LYS B 494 -6.31 34.56 -18.76
N TYR B 495 -5.93 35.42 -17.79
CA TYR B 495 -6.59 36.72 -17.64
C TYR B 495 -5.83 37.84 -18.32
N LYS B 496 -4.84 37.48 -19.15
CA LYS B 496 -4.08 38.41 -19.99
C LYS B 496 -3.47 39.54 -19.17
N MET B 497 -3.02 39.21 -17.95
CA MET B 497 -2.36 40.19 -17.08
C MET B 497 -0.89 40.27 -17.46
N TRP B 498 -0.65 40.86 -18.64
CA TRP B 498 0.66 40.75 -19.27
C TRP B 498 1.76 41.43 -18.45
N ASP B 499 1.49 42.63 -17.87
CA ASP B 499 2.48 43.27 -17.00
C ASP B 499 2.93 42.30 -15.90
N TYR B 500 1.95 41.66 -15.26
CA TYR B 500 2.26 40.81 -14.11
C TYR B 500 2.81 39.46 -14.55
N LEU B 501 2.45 38.96 -15.74
CA LEU B 501 3.15 37.78 -16.26
C LEU B 501 4.61 38.10 -16.59
N ARG B 502 4.87 39.27 -17.21
CA ARG B 502 6.26 39.65 -17.42
C ARG B 502 7.02 39.76 -16.09
N LEU B 503 6.38 40.33 -15.04
CA LEU B 503 6.97 40.43 -13.72
C LEU B 503 7.19 39.04 -13.09
N LEU B 504 6.23 38.12 -13.26
CA LEU B 504 6.44 36.74 -12.80
C LEU B 504 7.72 36.16 -13.40
N LEU B 505 7.90 36.26 -14.72
CA LEU B 505 9.12 35.74 -15.32
C LEU B 505 10.36 36.45 -14.79
N GLU B 506 10.29 37.79 -14.66
CA GLU B 506 11.46 38.54 -14.26
C GLU B 506 11.92 38.14 -12.86
N ARG B 507 10.96 37.92 -11.96
CA ARG B 507 11.28 37.75 -10.55
C ARG B 507 11.32 36.30 -10.12
N TRP B 508 10.58 35.43 -10.78
CA TRP B 508 10.33 34.08 -10.23
C TRP B 508 10.75 32.96 -11.17
N GLN B 509 11.27 33.23 -12.36
CA GLN B 509 11.54 32.08 -13.22
C GLN B 509 12.58 31.15 -12.62
N TYR B 510 13.42 31.58 -11.69
CA TYR B 510 14.23 30.60 -10.96
C TYR B 510 13.86 30.48 -9.46
N GLY B 511 12.71 30.96 -9.04
CA GLY B 511 12.53 31.21 -7.63
C GLY B 511 13.12 32.56 -7.26
N LEU B 512 12.46 33.27 -6.35
CA LEU B 512 12.84 34.66 -6.01
C LEU B 512 13.88 34.64 -4.90
PA FAD C . -4.83 -15.53 9.49
O1A FAD C . -4.11 -14.27 9.31
O2A FAD C . -6.28 -15.52 9.41
O5B FAD C . -4.46 -16.23 10.82
C5B FAD C . -3.15 -16.08 11.40
C4B FAD C . -3.28 -15.79 12.89
O4B FAD C . -1.94 -15.57 13.40
C3B FAD C . -4.10 -14.55 13.25
O3B FAD C . -5.16 -14.90 14.16
C2B FAD C . -3.05 -13.59 13.84
O2B FAD C . -3.66 -12.73 14.81
C1B FAD C . -2.05 -14.58 14.42
N9A FAD C . -0.72 -14.02 14.66
C8A FAD C . -0.09 -13.02 13.95
N7A FAD C . 1.11 -12.74 14.41
C5A FAD C . 1.30 -13.64 15.45
C6A FAD C . 2.34 -13.83 16.37
N6A FAD C . 3.50 -13.16 16.31
N1A FAD C . 2.18 -14.77 17.33
C2A FAD C . 1.03 -15.44 17.38
N3A FAD C . -0.03 -15.33 16.58
C4A FAD C . 0.16 -14.41 15.65
N1 FAD C . -11.76 -16.25 1.74
C2 FAD C . -12.82 -16.89 1.20
O2 FAD C . -12.83 -18.15 0.99
N3 FAD C . -13.94 -16.13 0.82
C4 FAD C . -14.02 -14.76 0.91
O4 FAD C . -15.04 -14.14 0.64
C4X FAD C . -12.87 -14.10 1.42
N5 FAD C . -12.89 -12.75 1.46
C5X FAD C . -11.89 -12.12 2.15
C6 FAD C . -11.96 -10.72 2.33
C7 FAD C . -10.92 -10.04 2.97
C7M FAD C . -10.99 -8.53 3.11
C8 FAD C . -9.82 -10.76 3.44
C8M FAD C . -8.68 -10.05 4.12
C9 FAD C . -9.76 -12.14 3.28
C9A FAD C . -10.78 -12.83 2.64
N10 FAD C . -10.70 -14.24 2.40
C10 FAD C . -11.78 -14.91 1.83
C1' FAD C . -9.50 -14.99 2.75
C2' FAD C . -9.54 -15.69 4.10
O2' FAD C . -10.18 -14.77 5.01
C3' FAD C . -8.09 -15.95 4.52
O3' FAD C . -7.37 -16.56 3.42
C4' FAD C . -7.93 -16.85 5.73
O4' FAD C . -8.90 -16.48 6.71
C5' FAD C . -6.55 -16.69 6.29
O5' FAD C . -6.32 -17.70 7.29
P FAD C . -4.89 -17.98 7.84
O1P FAD C . -4.04 -18.34 6.62
O2P FAD C . -5.06 -18.93 9.02
O3P FAD C . -4.33 -16.53 8.34
N LYS D . -11.58 -13.82 -1.68
CA LYS D . -11.63 -12.33 -1.74
C LYS D . -12.99 -11.92 -2.29
O LYS D . -13.88 -12.77 -2.56
CB LYS D . -10.48 -11.76 -2.59
CG LYS D . -10.45 -12.23 -4.07
CD LYS D . -9.41 -11.43 -4.97
CE LYS D . -7.94 -11.72 -4.49
NZ LYS D . -6.92 -10.94 -5.32
OXT LYS D . -13.24 -10.72 -2.44
C1 GOL E . -12.63 -3.83 -6.90
O1 GOL E . -12.28 -2.44 -7.25
C2 GOL E . -12.98 -3.84 -5.34
O2 GOL E . -13.88 -2.84 -5.03
C3 GOL E . -13.54 -5.21 -4.98
O3 GOL E . -14.73 -5.39 -5.87
C1 GOL F . -7.35 -3.03 13.28
O1 GOL F . -6.88 -2.62 14.48
C2 GOL F . -8.30 -1.87 12.79
O2 GOL F . -7.95 -0.66 13.27
C3 GOL F . -8.14 -1.87 11.31
O3 GOL F . -8.92 -0.70 10.73
N1 EPE G . 2.38 -47.36 16.50
C2 EPE G . 1.60 -48.41 15.84
C3 EPE G . 0.81 -49.17 16.89
N4 EPE G . 1.64 -49.62 17.99
C5 EPE G . 2.70 -48.76 18.50
C6 EPE G . 3.39 -47.93 17.42
C7 EPE G . 1.10 -50.63 18.89
C8 EPE G . 1.73 -52.01 18.67
O8 EPE G . 1.02 -52.77 17.71
C9 EPE G . 3.04 -46.54 15.47
C10 EPE G . 1.98 -45.76 14.69
S EPE G . 2.80 -44.91 13.29
O1S EPE G . 3.03 -45.89 12.20
O2S EPE G . 1.95 -43.87 12.81
O3S EPE G . 4.04 -44.35 13.86
PA FAD H . 0.86 18.75 0.79
O1A FAD H . 0.19 17.48 0.88
O2A FAD H . 2.03 19.02 1.71
O5B FAD H . -0.10 19.93 1.01
C5B FAD H . -1.49 19.82 0.62
C4B FAD H . -2.35 20.41 1.72
O4B FAD H . -3.73 20.18 1.36
C3B FAD H . -2.13 19.72 3.08
O3B FAD H . -1.81 20.65 4.12
C2B FAD H . -3.46 18.98 3.33
O2B FAD H . -3.82 18.89 4.71
C1B FAD H . -4.43 19.88 2.56
N9A FAD H . -5.71 19.27 2.20
C8A FAD H . -5.98 17.94 1.92
N7A FAD H . -7.23 17.72 1.56
C5A FAD H . -7.82 18.97 1.65
C6A FAD H . -9.15 19.40 1.45
N6A FAD H . -10.14 18.60 1.06
N1A FAD H . -9.41 20.74 1.65
C2A FAD H . -8.42 21.55 2.03
N3A FAD H . -7.15 21.23 2.26
C4A FAD H . -6.90 19.93 2.03
N1 FAD H . 11.00 16.73 -0.05
C2 FAD H . 12.29 17.20 -0.05
O2 FAD H . 12.64 18.15 -0.79
N3 FAD H . 13.21 16.61 0.77
C4 FAD H . 12.97 15.49 1.57
O4 FAD H . 13.80 15.05 2.34
C4X FAD H . 11.65 14.97 1.53
N5 FAD H . 11.38 13.86 2.24
C5X FAD H . 10.08 13.48 2.35
C6 FAD H . 9.77 12.41 3.19
C7 FAD H . 8.44 12.00 3.36
C7M FAD H . 8.12 10.83 4.25
C8 FAD H . 7.43 12.63 2.63
C8M FAD H . 6.01 12.14 2.73
C9 FAD H . 7.74 13.68 1.78
C9A FAD H . 9.05 14.12 1.64
N10 FAD H . 9.42 15.19 0.77
C10 FAD H . 10.71 15.65 0.71
C1' FAD H . 8.44 15.76 -0.14
C2' FAD H . 7.77 17.03 0.32
O2' FAD H . 7.49 16.89 1.72
C3' FAD H . 6.45 17.17 -0.46
O3' FAD H . 6.65 16.96 -1.86
C4' FAD H . 5.77 18.51 -0.28
O4' FAD H . 5.89 18.88 1.09
C5' FAD H . 4.33 18.40 -0.70
O5' FAD H . 3.73 19.71 -0.69
P FAD H . 2.38 19.98 -1.44
O1P FAD H . 2.53 19.52 -2.89
O2P FAD H . 1.97 21.41 -1.14
O3P FAD H . 1.41 18.93 -0.70
N LYS I . 12.57 12.90 -0.98
CA LYS I . 12.31 11.62 -0.22
C LYS I . 13.58 11.27 0.48
O LYS I . 13.58 10.25 1.19
CB LYS I . 11.83 10.49 -1.13
CG LYS I . 12.77 10.16 -2.28
CD LYS I . 12.34 8.80 -2.93
CE LYS I . 11.07 9.00 -3.83
NZ LYS I . 10.70 7.70 -4.57
OXT LYS I . 14.54 12.06 0.39
C1 GOL J . 14.57 2.32 1.64
O1 GOL J . 14.26 0.84 1.89
C2 GOL J . 13.85 3.16 2.78
O2 GOL J . 14.04 2.41 3.91
C3 GOL J . 14.44 4.53 2.96
O3 GOL J . 15.79 4.33 2.62
C1 GOL K . -2.05 10.53 10.93
O1 GOL K . -3.11 11.03 11.69
C2 GOL K . -1.19 9.58 11.83
O2 GOL K . -1.91 8.74 12.52
C3 GOL K . -0.30 8.80 10.88
O3 GOL K . 0.38 7.71 11.67
N1 EPE L . -2.71 47.68 -15.61
C2 EPE L . -1.55 48.45 -16.08
C3 EPE L . -1.46 49.74 -15.28
N4 EPE L . -2.73 50.45 -15.14
C5 EPE L . -3.96 49.70 -14.98
C6 EPE L . -3.98 48.42 -15.81
C7 EPE L . -2.68 51.76 -14.51
C8 EPE L . -3.10 52.85 -15.47
O8 EPE L . -2.08 53.05 -16.43
C9 EPE L . -2.77 46.39 -16.31
C10 EPE L . -1.79 45.43 -15.64
S EPE L . -1.74 43.88 -16.59
O1S EPE L . -1.07 44.12 -17.91
O2S EPE L . -3.13 43.44 -16.69
O3S EPE L . -0.92 42.92 -15.87
#